data_4DO4
#
_entry.id   4DO4
#
_cell.length_a   154.055
_cell.length_b   114.624
_cell.length_c   68.630
_cell.angle_alpha   90.000
_cell.angle_beta   95.820
_cell.angle_gamma   90.000
#
_symmetry.space_group_name_H-M   'C 1 2 1'
#
loop_
_entity.id
_entity.type
_entity.pdbx_description
1 polymer Alpha-N-acetylgalactosaminidase
2 branched beta-D-mannopyranose-(1-4)-2-acetamido-2-deoxy-beta-D-glucopyranose-(1-4)-2-acetamido-2-deoxy-beta-D-glucopyranose
3 branched alpha-D-mannopyranose-(1-3)-[alpha-D-mannopyranose-(1-6)]beta-D-mannopyranose-(1-4)-2-acetamido-2-deoxy-beta-D-glucopyranose-(1-4)-2-acetamido-2-deoxy-beta-D-glucopyranose
4 branched 2-acetamido-2-deoxy-beta-D-glucopyranose-(1-4)-[alpha-L-fucopyranose-(1-6)]2-acetamido-2-deoxy-beta-D-glucopyranose
5 non-polymer 2-acetamido-2-deoxy-beta-D-glucopyranose
6 non-polymer N-[(3S,4R,5S,6R)-4,5-dihydroxy-6-(hydroxymethyl)piperidin-3-yl]acetamide
7 non-polymer 'CITRIC ACID'
8 non-polymer GLYCEROL
9 non-polymer 'ACETIC ACID'
10 water water
#
_entity_poly.entity_id   1
_entity_poly.type   'polypeptide(L)'
_entity_poly.pdbx_seq_one_letter_code
;LDNGLLQTPPMGWLAWERFRCNINCDEDPKNCISEQLFMEMADRMAQDGWRDMGYTYLNIDDCWIGGRDASGRLMPDPKR
FPHGIPFLADYVHSLGLKLGIYADMGNFTCMGYPGTTLDKVVQDAQTFAEWKVDMLKLDGCFSTPEERAQGYPKMAAALN
ATGRPIAFSCSWPAYEGGLPPRVQYSLLADICNLWRNYDDIQDSWWSVLSILNWFVEHQDILQPVAGPGHWNDPDMLLIG
NFGLSLEQSRAQMALWTVLAAPLLMSTDLRTISAQNMDILQNPLMIKINQDPLGIQGRRIHKEKSLIEVYMRPLSNKASA
LVFFSCRTDMPYRYHSSLGQLNFTGSVIYEAQDVYSGDIISGLRDETNFTVIINPSGVVMWYLYPIKNLEMSQQHHHHHH
;
_entity_poly.pdbx_strand_id   A,B
#
# COMPACT_ATOMS: atom_id res chain seq x y z
N LEU A 1 -7.33 -33.31 -10.93
CA LEU A 1 -7.25 -34.06 -12.24
C LEU A 1 -6.20 -35.16 -12.10
N ASP A 2 -6.59 -36.40 -12.42
CA ASP A 2 -5.78 -37.59 -12.11
C ASP A 2 -4.74 -37.89 -13.20
N ASN A 3 -3.89 -36.90 -13.48
CA ASN A 3 -2.88 -37.02 -14.52
C ASN A 3 -1.47 -37.09 -13.95
N GLY A 4 -1.37 -37.28 -12.62
CA GLY A 4 -0.09 -37.39 -11.93
C GLY A 4 0.64 -36.08 -11.66
N LEU A 5 0.08 -34.98 -12.15
CA LEU A 5 0.74 -33.68 -12.08
C LEU A 5 0.26 -32.86 -10.88
N LEU A 6 1.14 -31.96 -10.44
CA LEU A 6 0.84 -30.97 -9.42
C LEU A 6 0.31 -31.62 -8.15
N GLN A 7 1.03 -32.65 -7.70
CA GLN A 7 0.76 -33.27 -6.42
C GLN A 7 1.08 -32.32 -5.26
N THR A 8 1.84 -31.27 -5.56
CA THR A 8 1.95 -30.08 -4.74
C THR A 8 1.59 -28.86 -5.59
N PRO A 9 1.29 -27.71 -4.96
CA PRO A 9 0.90 -26.58 -5.79
C PRO A 9 1.98 -26.15 -6.79
N PRO A 10 1.55 -25.69 -7.99
CA PRO A 10 2.53 -25.24 -8.98
C PRO A 10 3.25 -23.98 -8.48
N MET A 11 4.56 -23.97 -8.72
CA MET A 11 5.38 -22.81 -8.50
C MET A 11 5.98 -22.36 -9.82
N GLY A 12 5.99 -21.04 -10.04
CA GLY A 12 6.59 -20.50 -11.25
C GLY A 12 6.38 -19.02 -11.43
N TRP A 13 6.27 -18.61 -12.69
CA TRP A 13 6.20 -17.21 -13.09
C TRP A 13 5.17 -17.16 -14.20
N LEU A 14 4.34 -16.12 -14.18
CA LEU A 14 3.26 -15.97 -15.10
C LEU A 14 3.31 -14.49 -15.55
N ALA A 15 3.18 -14.25 -16.85
CA ALA A 15 3.42 -12.91 -17.41
C ALA A 15 2.40 -11.85 -17.03
N TRP A 16 1.18 -12.25 -16.73
CA TRP A 16 0.05 -11.35 -16.87
C TRP A 16 0.05 -10.15 -15.91
N GLU A 17 0.18 -10.38 -14.60
CA GLU A 17 -0.06 -9.28 -13.68
C GLU A 17 0.86 -8.10 -13.94
N ARG A 18 2.14 -8.40 -14.15
CA ARG A 18 3.13 -7.35 -14.32
C ARG A 18 3.24 -6.80 -15.77
N PHE A 19 3.10 -7.68 -16.76
CA PHE A 19 3.35 -7.29 -18.16
C PHE A 19 2.11 -7.16 -19.04
N ARG A 20 0.99 -7.71 -18.59
CA ARG A 20 -0.32 -7.49 -19.15
C ARG A 20 -0.36 -7.72 -20.68
N CYS A 21 -0.96 -6.81 -21.43
CA CYS A 21 -1.11 -6.98 -22.88
C CYS A 21 -0.26 -5.94 -23.63
N ASN A 22 0.95 -5.73 -23.16
CA ASN A 22 1.84 -4.78 -23.79
C ASN A 22 2.43 -5.42 -25.04
N ILE A 23 2.01 -4.97 -26.19
CA ILE A 23 2.50 -5.52 -27.43
C ILE A 23 3.30 -4.50 -28.23
N ASN A 24 3.68 -3.39 -27.60
CA ASN A 24 4.38 -2.31 -28.29
C ASN A 24 5.87 -2.54 -28.22
N CYS A 25 6.34 -3.47 -29.04
CA CYS A 25 7.76 -3.81 -29.01
C CYS A 25 8.59 -2.74 -29.69
N ASP A 26 8.02 -1.96 -30.61
CA ASP A 26 8.78 -0.86 -31.22
C ASP A 26 9.19 0.20 -30.20
N GLU A 27 8.29 0.56 -29.30
CA GLU A 27 8.54 1.61 -28.30
C GLU A 27 9.01 1.07 -26.96
N ASP A 28 8.68 -0.18 -26.65
CA ASP A 28 8.97 -0.77 -25.34
C ASP A 28 9.48 -2.22 -25.48
N PRO A 29 10.61 -2.39 -26.18
CA PRO A 29 11.14 -3.73 -26.48
C PRO A 29 11.46 -4.59 -25.26
N LYS A 30 11.82 -3.96 -24.14
CA LYS A 30 12.25 -4.71 -22.96
C LYS A 30 11.09 -5.27 -22.13
N ASN A 31 9.88 -4.75 -22.32
CA ASN A 31 8.75 -5.12 -21.49
C ASN A 31 7.53 -5.66 -22.24
N CYS A 32 7.59 -5.71 -23.56
CA CYS A 32 6.47 -6.19 -24.34
C CYS A 32 6.39 -7.71 -24.26
N ILE A 33 5.20 -8.25 -24.51
CA ILE A 33 5.00 -9.70 -24.56
C ILE A 33 5.69 -10.23 -25.83
N SER A 34 6.76 -10.97 -25.65
CA SER A 34 7.61 -11.41 -26.74
C SER A 34 8.49 -12.58 -26.33
N GLU A 35 8.97 -13.30 -27.34
CA GLU A 35 9.97 -14.35 -27.13
C GLU A 35 11.11 -13.89 -26.24
N GLN A 36 11.62 -12.69 -26.50
CA GLN A 36 12.74 -12.15 -25.73
C GLN A 36 12.41 -12.07 -24.23
N LEU A 37 11.22 -11.57 -23.93
CA LEU A 37 10.77 -11.43 -22.52
C LEU A 37 10.85 -12.81 -21.83
N PHE A 38 10.23 -13.80 -22.48
CA PHE A 38 10.19 -15.15 -21.90
C PHE A 38 11.60 -15.77 -21.79
N MET A 39 12.46 -15.57 -22.79
CA MET A 39 13.83 -16.10 -22.68
C MET A 39 14.60 -15.45 -21.53
N GLU A 40 14.48 -14.13 -21.39
CA GLU A 40 15.16 -13.42 -20.32
C GLU A 40 14.69 -13.86 -18.92
N MET A 41 13.39 -14.07 -18.79
CA MET A 41 12.84 -14.54 -17.50
C MET A 41 13.29 -15.98 -17.21
N ALA A 42 13.29 -16.82 -18.25
CA ALA A 42 13.82 -18.18 -18.13
C ALA A 42 15.27 -18.17 -17.65
N ASP A 43 16.09 -17.31 -18.25
CA ASP A 43 17.44 -17.17 -17.85
C ASP A 43 17.56 -16.78 -16.38
N ARG A 44 16.77 -15.82 -15.93
CA ARG A 44 16.80 -15.43 -14.51
C ARG A 44 16.40 -16.61 -13.59
N MET A 45 15.39 -17.35 -13.99
CA MET A 45 14.98 -18.47 -13.17
C MET A 45 16.04 -19.54 -13.04
N ALA A 46 16.76 -19.79 -14.13
CA ALA A 46 17.86 -20.74 -14.14
C ALA A 46 19.05 -20.29 -13.34
N GLN A 47 19.37 -18.99 -13.40
CA GLN A 47 20.62 -18.44 -12.87
C GLN A 47 20.55 -17.86 -11.46
N ASP A 48 19.35 -17.43 -11.05
CA ASP A 48 19.19 -16.66 -9.81
C ASP A 48 18.50 -17.43 -8.67
N GLY A 49 18.52 -18.77 -8.76
CA GLY A 49 18.05 -19.64 -7.70
C GLY A 49 16.59 -20.06 -7.74
N TRP A 50 15.80 -19.44 -8.60
CA TRP A 50 14.36 -19.70 -8.65
C TRP A 50 14.03 -21.16 -8.92
N ARG A 51 14.58 -21.70 -10.01
CA ARG A 51 14.37 -23.10 -10.35
C ARG A 51 14.79 -24.02 -9.21
N ASP A 52 15.96 -23.75 -8.64
CA ASP A 52 16.54 -24.56 -7.58
C ASP A 52 15.62 -24.59 -6.34
N MET A 53 14.89 -23.50 -6.11
CA MET A 53 13.96 -23.40 -4.97
C MET A 53 12.59 -23.99 -5.24
N GLY A 54 12.32 -24.38 -6.48
CA GLY A 54 11.06 -25.01 -6.85
C GLY A 54 10.25 -24.31 -7.92
N TYR A 55 10.66 -23.09 -8.31
CA TYR A 55 9.91 -22.32 -9.26
C TYR A 55 10.24 -22.82 -10.66
N THR A 56 9.37 -23.65 -11.21
CA THR A 56 9.67 -24.40 -12.43
C THR A 56 8.87 -24.04 -13.67
N TYR A 57 7.71 -23.42 -13.49
CA TYR A 57 6.87 -23.09 -14.63
C TYR A 57 7.12 -21.67 -15.07
N LEU A 58 7.21 -21.47 -16.38
CA LEU A 58 7.30 -20.16 -17.00
C LEU A 58 6.13 -20.04 -17.96
N ASN A 59 5.13 -19.25 -17.57
CA ASN A 59 3.85 -19.25 -18.24
C ASN A 59 3.48 -18.01 -19.04
N ILE A 60 3.17 -18.25 -20.31
CA ILE A 60 2.68 -17.26 -21.22
C ILE A 60 1.19 -17.07 -20.90
N ASP A 61 0.75 -15.81 -20.90
CA ASP A 61 -0.68 -15.48 -20.75
C ASP A 61 -1.28 -14.90 -22.06
N ASP A 62 -2.30 -14.04 -21.96
CA ASP A 62 -2.96 -13.50 -23.12
C ASP A 62 -2.01 -12.67 -23.99
N CYS A 63 -2.37 -12.52 -25.25
CA CYS A 63 -1.71 -11.60 -26.18
C CYS A 63 -0.52 -12.19 -26.90
N TRP A 64 -0.41 -13.52 -26.93
CA TRP A 64 0.69 -14.18 -27.66
C TRP A 64 0.30 -14.55 -29.10
N ILE A 65 -0.99 -14.64 -29.37
CA ILE A 65 -1.52 -15.28 -30.58
C ILE A 65 -1.46 -14.32 -31.77
N GLY A 66 -1.05 -14.87 -32.92
CA GLY A 66 -1.01 -14.14 -34.18
C GLY A 66 -2.18 -14.37 -35.09
N GLY A 67 -2.67 -15.60 -35.14
CA GLY A 67 -3.77 -15.92 -36.01
C GLY A 67 -3.88 -17.42 -36.11
N ARG A 68 -4.65 -17.91 -37.09
CA ARG A 68 -4.69 -19.33 -37.43
C ARG A 68 -4.26 -19.47 -38.88
N ASP A 69 -3.52 -20.54 -39.17
CA ASP A 69 -3.08 -20.80 -40.56
C ASP A 69 -4.19 -21.42 -41.41
N ALA A 70 -3.88 -21.77 -42.67
CA ALA A 70 -4.88 -22.31 -43.57
C ALA A 70 -5.56 -23.59 -43.11
N SER A 71 -4.89 -24.34 -42.23
CA SER A 71 -5.47 -25.57 -41.64
C SER A 71 -6.17 -25.30 -40.31
N GLY A 72 -6.24 -24.04 -39.89
CA GLY A 72 -6.86 -23.66 -38.62
C GLY A 72 -5.92 -23.76 -37.42
N ARG A 73 -4.62 -23.93 -37.68
CA ARG A 73 -3.63 -24.18 -36.63
C ARG A 73 -3.23 -22.85 -35.99
N LEU A 74 -3.23 -22.79 -34.67
CA LEU A 74 -2.87 -21.57 -33.94
C LEU A 74 -1.43 -21.23 -34.25
N MET A 75 -1.15 -19.93 -34.39
CA MET A 75 0.21 -19.42 -34.57
C MET A 75 0.44 -18.26 -33.60
N PRO A 76 1.66 -18.15 -33.08
CA PRO A 76 2.02 -16.95 -32.31
C PRO A 76 2.19 -15.73 -33.22
N ASP A 77 2.20 -14.54 -32.65
CA ASP A 77 2.47 -13.34 -33.42
C ASP A 77 3.89 -13.44 -33.97
N PRO A 78 4.05 -13.43 -35.29
CA PRO A 78 5.39 -13.67 -35.86
C PRO A 78 6.42 -12.59 -35.60
N LYS A 79 5.96 -11.38 -35.36
CA LYS A 79 6.88 -10.27 -35.07
C LYS A 79 7.41 -10.37 -33.65
N ARG A 80 6.58 -10.82 -32.72
CA ARG A 80 6.99 -10.89 -31.32
C ARG A 80 7.52 -12.27 -30.90
N PHE A 81 7.17 -13.30 -31.66
CA PHE A 81 7.66 -14.68 -31.42
C PHE A 81 8.27 -15.23 -32.71
N PRO A 82 9.37 -14.62 -33.16
CA PRO A 82 9.87 -14.93 -34.50
C PRO A 82 10.26 -16.41 -34.71
N HIS A 83 10.79 -17.06 -33.67
CA HIS A 83 11.18 -18.47 -33.81
C HIS A 83 10.06 -19.48 -33.51
N GLY A 84 8.93 -19.01 -32.99
CA GLY A 84 7.80 -19.89 -32.72
C GLY A 84 7.84 -20.51 -31.34
N ILE A 85 6.76 -21.19 -30.97
CA ILE A 85 6.63 -21.71 -29.61
C ILE A 85 7.50 -22.96 -29.34
N PRO A 86 7.63 -23.88 -30.30
CA PRO A 86 8.51 -25.02 -30.04
C PRO A 86 9.93 -24.58 -29.66
N PHE A 87 10.41 -23.53 -30.33
CA PHE A 87 11.71 -22.97 -29.99
C PHE A 87 11.74 -22.57 -28.52
N LEU A 88 10.71 -21.89 -28.06
CA LEU A 88 10.67 -21.40 -26.68
C LEU A 88 10.52 -22.56 -25.69
N ALA A 89 9.64 -23.52 -26.00
CA ALA A 89 9.51 -24.74 -25.17
C ALA A 89 10.85 -25.45 -25.08
N ASP A 90 11.52 -25.63 -26.23
CA ASP A 90 12.84 -26.28 -26.19
C ASP A 90 13.88 -25.51 -25.40
N TYR A 91 13.89 -24.19 -25.50
CA TYR A 91 14.79 -23.36 -24.73
C TYR A 91 14.51 -23.53 -23.24
N VAL A 92 13.26 -23.39 -22.83
CA VAL A 92 12.91 -23.50 -21.42
C VAL A 92 13.24 -24.89 -20.88
N HIS A 93 12.95 -25.92 -21.66
CA HIS A 93 13.31 -27.29 -21.24
C HIS A 93 14.82 -27.50 -21.06
N SER A 94 15.64 -26.83 -21.89
CA SER A 94 17.08 -26.97 -21.80
C SER A 94 17.63 -26.38 -20.51
N LEU A 95 16.84 -25.50 -19.89
CA LEU A 95 17.19 -24.90 -18.60
C LEU A 95 16.51 -25.56 -17.40
N GLY A 96 15.84 -26.69 -17.62
CA GLY A 96 15.23 -27.43 -16.51
C GLY A 96 13.90 -26.85 -16.06
N LEU A 97 13.28 -26.05 -16.92
CA LEU A 97 12.02 -25.40 -16.64
C LEU A 97 10.88 -26.02 -17.49
N LYS A 98 9.63 -25.60 -17.23
CA LYS A 98 8.45 -26.05 -17.94
C LYS A 98 7.74 -24.84 -18.52
N LEU A 99 7.11 -25.01 -19.66
CA LEU A 99 6.46 -23.92 -20.33
C LEU A 99 4.95 -24.02 -20.24
N GLY A 100 4.34 -22.98 -19.71
CA GLY A 100 2.90 -22.85 -19.81
C GLY A 100 2.39 -21.91 -20.89
N ILE A 101 1.23 -22.22 -21.42
CA ILE A 101 0.62 -21.39 -22.44
C ILE A 101 -0.81 -21.08 -22.00
N TYR A 102 -1.51 -20.32 -22.86
CA TYR A 102 -2.79 -19.70 -22.57
C TYR A 102 -3.69 -19.81 -23.80
N ALA A 103 -4.94 -20.15 -23.55
CA ALA A 103 -5.96 -20.13 -24.53
C ALA A 103 -7.28 -19.65 -23.88
N ASP A 104 -8.30 -19.38 -24.68
CA ASP A 104 -9.61 -19.00 -24.15
C ASP A 104 -10.73 -19.86 -24.72
N MET A 105 -11.55 -20.44 -23.84
CA MET A 105 -12.75 -21.17 -24.18
C MET A 105 -13.83 -20.18 -24.52
N GLY A 106 -13.93 -19.87 -25.80
CA GLY A 106 -14.78 -18.81 -26.27
C GLY A 106 -14.31 -18.32 -27.62
N ASN A 107 -15.01 -17.34 -28.14
CA ASN A 107 -14.77 -16.86 -29.49
C ASN A 107 -13.47 -16.10 -29.64
N PHE A 108 -13.06 -15.44 -28.55
CA PHE A 108 -11.85 -14.63 -28.48
C PHE A 108 -11.29 -14.78 -27.10
N THR A 109 -10.02 -14.45 -27.00
CA THR A 109 -9.36 -14.27 -25.67
C THR A 109 -9.94 -12.98 -25.09
N CYS A 110 -9.77 -12.77 -23.80
CA CYS A 110 -10.30 -11.56 -23.16
C CYS A 110 -9.82 -10.29 -23.85
N MET A 111 -8.57 -10.30 -24.33
CA MET A 111 -8.05 -9.12 -25.02
C MET A 111 -8.31 -9.11 -26.53
N GLY A 112 -9.07 -10.09 -27.00
CA GLY A 112 -9.63 -10.07 -28.36
C GLY A 112 -8.81 -10.85 -29.40
N TYR A 113 -7.91 -11.69 -28.92
CA TYR A 113 -7.10 -12.56 -29.78
C TYR A 113 -7.94 -13.81 -30.15
N PRO A 114 -7.51 -14.59 -31.17
CA PRO A 114 -8.30 -15.77 -31.57
C PRO A 114 -8.61 -16.73 -30.41
N GLY A 115 -9.87 -17.09 -30.29
CA GLY A 115 -10.35 -17.99 -29.27
C GLY A 115 -10.34 -19.46 -29.67
N THR A 116 -10.43 -20.29 -28.65
CA THR A 116 -10.56 -21.74 -28.81
C THR A 116 -12.02 -22.06 -28.62
N THR A 117 -12.76 -22.03 -29.72
CA THR A 117 -14.15 -22.40 -29.72
C THR A 117 -14.26 -23.92 -29.57
N LEU A 118 -15.48 -24.41 -29.34
CA LEU A 118 -15.67 -25.87 -29.16
C LEU A 118 -15.06 -26.66 -30.32
N ASP A 119 -15.23 -26.15 -31.53
CA ASP A 119 -14.73 -26.86 -32.71
C ASP A 119 -13.21 -26.81 -32.91
N LYS A 120 -12.52 -26.05 -32.06
CA LYS A 120 -11.06 -25.93 -32.08
C LYS A 120 -10.37 -26.56 -30.88
N VAL A 121 -11.15 -27.05 -29.91
CA VAL A 121 -10.56 -27.55 -28.67
C VAL A 121 -9.57 -28.68 -28.94
N VAL A 122 -9.98 -29.69 -29.72
CA VAL A 122 -9.11 -30.83 -29.97
C VAL A 122 -7.84 -30.41 -30.74
N GLN A 123 -8.01 -29.66 -31.82
N GLN A 123 -7.99 -29.66 -31.82
CA GLN A 123 -6.86 -29.20 -32.60
CA GLN A 123 -6.81 -29.28 -32.60
C GLN A 123 -5.87 -28.43 -31.76
C GLN A 123 -5.86 -28.36 -31.83
N ASP A 124 -6.39 -27.51 -30.96
CA ASP A 124 -5.54 -26.68 -30.13
C ASP A 124 -4.79 -27.53 -29.07
N ALA A 125 -5.48 -28.48 -28.43
CA ALA A 125 -4.81 -29.38 -27.50
C ALA A 125 -3.68 -30.12 -28.23
N GLN A 126 -3.93 -30.60 -29.44
CA GLN A 126 -2.94 -31.37 -30.17
C GLN A 126 -1.74 -30.50 -30.55
N THR A 127 -2.00 -29.26 -30.92
CA THR A 127 -0.97 -28.29 -31.25
C THR A 127 -0.11 -28.03 -30.02
N PHE A 128 -0.74 -27.77 -28.88
CA PHE A 128 0.03 -27.51 -27.66
C PHE A 128 0.90 -28.71 -27.28
N ALA A 129 0.37 -29.92 -27.41
CA ALA A 129 1.15 -31.09 -27.10
C ALA A 129 2.33 -31.27 -28.09
N GLU A 130 2.08 -31.01 -29.37
CA GLU A 130 3.11 -31.09 -30.40
C GLU A 130 4.24 -30.11 -30.12
N TRP A 131 3.88 -28.93 -29.61
CA TRP A 131 4.84 -27.90 -29.26
C TRP A 131 5.61 -28.21 -27.98
N LYS A 132 5.16 -29.22 -27.24
CA LYS A 132 5.76 -29.67 -25.98
C LYS A 132 5.54 -28.68 -24.83
N VAL A 133 4.37 -28.03 -24.83
CA VAL A 133 3.89 -27.27 -23.68
C VAL A 133 3.71 -28.20 -22.47
N ASP A 134 3.84 -27.63 -21.26
CA ASP A 134 3.69 -28.38 -20.02
C ASP A 134 2.48 -28.00 -19.17
N MET A 135 1.86 -26.86 -19.49
CA MET A 135 0.72 -26.38 -18.74
C MET A 135 -0.15 -25.51 -19.66
N LEU A 136 -1.46 -25.55 -19.45
CA LEU A 136 -2.41 -24.72 -20.16
C LEU A 136 -3.36 -24.07 -19.18
N LYS A 137 -3.48 -22.74 -19.30
CA LYS A 137 -4.46 -21.94 -18.62
C LYS A 137 -5.54 -21.66 -19.67
N LEU A 138 -6.78 -22.10 -19.40
CA LEU A 138 -7.90 -21.90 -20.25
C LEU A 138 -8.86 -20.87 -19.65
N ASP A 139 -8.77 -19.65 -20.19
CA ASP A 139 -9.62 -18.53 -19.82
C ASP A 139 -11.03 -18.74 -20.39
N GLY A 140 -11.99 -17.94 -19.94
CA GLY A 140 -13.38 -18.11 -20.31
C GLY A 140 -14.19 -16.94 -20.80
N CYS A 141 -13.52 -15.92 -21.36
CA CYS A 141 -14.23 -14.83 -21.97
C CYS A 141 -14.88 -15.28 -23.26
N PHE A 142 -15.95 -14.57 -23.60
CA PHE A 142 -16.59 -14.67 -24.89
C PHE A 142 -17.17 -16.06 -25.14
N SER A 143 -17.75 -16.62 -24.08
CA SER A 143 -18.47 -17.88 -24.16
C SER A 143 -19.74 -17.80 -23.33
N THR A 144 -20.63 -18.76 -23.57
CA THR A 144 -21.84 -18.93 -22.77
C THR A 144 -21.55 -19.96 -21.67
N PRO A 145 -22.38 -19.97 -20.61
CA PRO A 145 -22.24 -21.02 -19.60
C PRO A 145 -22.31 -22.44 -20.17
N GLU A 146 -23.21 -22.67 -21.13
CA GLU A 146 -23.34 -24.01 -21.74
C GLU A 146 -22.07 -24.37 -22.52
N GLU A 147 -21.49 -23.40 -23.20
CA GLU A 147 -20.22 -23.62 -23.92
C GLU A 147 -19.08 -23.99 -22.96
N ARG A 148 -18.99 -23.29 -21.83
CA ARG A 148 -17.96 -23.60 -20.84
C ARG A 148 -18.22 -24.99 -20.23
N ALA A 149 -19.48 -25.32 -19.99
CA ALA A 149 -19.81 -26.64 -19.42
C ALA A 149 -19.41 -27.79 -20.35
N GLN A 150 -19.50 -27.57 -21.65
CA GLN A 150 -19.03 -28.58 -22.62
C GLN A 150 -17.52 -28.49 -22.80
N GLY A 151 -17.02 -27.27 -22.92
CA GLY A 151 -15.61 -27.02 -23.26
C GLY A 151 -14.51 -27.38 -22.31
N TYR A 152 -14.73 -27.13 -21.02
CA TYR A 152 -13.70 -27.43 -20.07
C TYR A 152 -13.46 -28.94 -19.95
N PRO A 153 -14.55 -29.75 -19.84
CA PRO A 153 -14.32 -31.20 -19.87
C PRO A 153 -13.74 -31.69 -21.18
N LYS A 154 -14.18 -31.08 -22.28
CA LYS A 154 -13.69 -31.45 -23.60
C LYS A 154 -12.19 -31.22 -23.70
N MET A 155 -11.70 -30.09 -23.19
CA MET A 155 -10.27 -29.81 -23.20
C MET A 155 -9.48 -30.77 -22.32
N ALA A 156 -9.98 -31.08 -21.12
CA ALA A 156 -9.29 -32.04 -20.26
C ALA A 156 -9.11 -33.37 -21.02
N ALA A 157 -10.19 -33.83 -21.66
CA ALA A 157 -10.17 -35.08 -22.42
C ALA A 157 -9.19 -35.02 -23.60
N ALA A 158 -9.21 -33.87 -24.29
CA ALA A 158 -8.34 -33.68 -25.46
C ALA A 158 -6.86 -33.63 -25.05
N LEU A 159 -6.54 -32.96 -23.95
CA LEU A 159 -5.17 -32.94 -23.48
C LEU A 159 -4.73 -34.35 -23.13
N ASN A 160 -5.60 -35.08 -22.44
CA ASN A 160 -5.25 -36.43 -22.06
C ASN A 160 -4.95 -37.30 -23.27
N ALA A 161 -5.79 -37.17 -24.31
CA ALA A 161 -5.69 -37.97 -25.53
C ALA A 161 -4.39 -37.75 -26.31
N THR A 162 -3.74 -36.60 -26.10
CA THR A 162 -2.45 -36.35 -26.76
C THR A 162 -1.33 -37.23 -26.23
N GLY A 163 -1.52 -37.76 -25.03
CA GLY A 163 -0.49 -38.53 -24.35
C GLY A 163 0.62 -37.74 -23.64
N ARG A 164 0.66 -36.41 -23.82
CA ARG A 164 1.60 -35.58 -23.08
C ARG A 164 0.96 -35.10 -21.79
N PRO A 165 1.63 -35.27 -20.64
CA PRO A 165 1.13 -34.66 -19.40
C PRO A 165 1.17 -33.14 -19.51
N ILE A 166 0.02 -32.52 -19.41
CA ILE A 166 -0.11 -31.07 -19.47
C ILE A 166 -0.98 -30.63 -18.28
N ALA A 167 -0.38 -29.87 -17.36
CA ALA A 167 -1.10 -29.37 -16.20
C ALA A 167 -2.23 -28.46 -16.70
N PHE A 168 -3.40 -28.56 -16.09
CA PHE A 168 -4.56 -27.88 -16.62
C PHE A 168 -5.15 -26.92 -15.58
N SER A 169 -5.04 -25.62 -15.88
CA SER A 169 -5.53 -24.51 -15.04
C SER A 169 -6.83 -23.96 -15.67
N CYS A 170 -7.93 -24.05 -14.93
CA CYS A 170 -9.28 -23.74 -15.45
C CYS A 170 -9.88 -22.49 -14.83
N SER A 171 -10.22 -21.52 -15.67
CA SER A 171 -10.80 -20.25 -15.18
C SER A 171 -12.32 -20.32 -15.05
N TRP A 172 -12.88 -21.46 -15.43
CA TRP A 172 -14.32 -21.68 -15.44
C TRP A 172 -15.08 -21.09 -14.25
N PRO A 173 -14.76 -21.49 -13.00
CA PRO A 173 -15.60 -21.00 -11.87
C PRO A 173 -15.63 -19.48 -11.72
N ALA A 174 -14.54 -18.81 -12.09
CA ALA A 174 -14.47 -17.34 -11.96
C ALA A 174 -15.50 -16.62 -12.81
N TYR A 175 -15.92 -17.25 -13.92
CA TYR A 175 -16.92 -16.70 -14.84
C TYR A 175 -18.34 -17.06 -14.43
N GLU A 176 -18.48 -17.91 -13.41
CA GLU A 176 -19.78 -18.38 -12.98
C GLU A 176 -20.06 -18.04 -11.51
N GLY A 177 -19.28 -17.13 -10.93
CA GLY A 177 -19.50 -16.68 -9.55
C GLY A 177 -18.77 -17.42 -8.44
N GLY A 178 -18.06 -18.50 -8.79
CA GLY A 178 -17.18 -19.19 -7.85
C GLY A 178 -17.82 -20.11 -6.82
N LEU A 179 -19.16 -20.17 -6.80
CA LEU A 179 -19.89 -20.85 -5.72
C LEU A 179 -20.99 -21.81 -6.19
N PRO A 180 -21.31 -22.80 -5.35
CA PRO A 180 -22.52 -23.56 -5.58
C PRO A 180 -23.74 -22.61 -5.53
N PRO A 181 -24.82 -22.94 -6.25
CA PRO A 181 -24.99 -24.17 -7.02
C PRO A 181 -24.42 -24.16 -8.44
N ARG A 182 -24.00 -22.99 -8.93
N ARG A 182 -23.99 -22.99 -8.92
CA ARG A 182 -23.57 -22.90 -10.34
CA ARG A 182 -23.55 -22.88 -10.31
C ARG A 182 -22.21 -23.56 -10.57
C ARG A 182 -22.21 -23.56 -10.57
N VAL A 183 -21.34 -23.54 -9.55
CA VAL A 183 -20.03 -24.20 -9.61
C VAL A 183 -20.09 -25.51 -8.82
N GLN A 184 -19.60 -26.58 -9.45
CA GLN A 184 -19.56 -27.92 -8.90
C GLN A 184 -18.10 -28.28 -8.69
N TYR A 185 -17.65 -28.17 -7.45
CA TYR A 185 -16.23 -28.35 -7.15
C TYR A 185 -15.76 -29.80 -7.29
N SER A 186 -16.65 -30.79 -7.08
CA SER A 186 -16.23 -32.18 -7.28
C SER A 186 -15.95 -32.43 -8.78
N LEU A 187 -16.76 -31.81 -9.64
CA LEU A 187 -16.53 -31.84 -11.10
C LEU A 187 -15.21 -31.16 -11.46
N LEU A 188 -14.98 -29.95 -10.95
CA LEU A 188 -13.72 -29.26 -11.20
C LEU A 188 -12.51 -30.07 -10.80
N ALA A 189 -12.56 -30.68 -9.62
CA ALA A 189 -11.43 -31.49 -9.16
C ALA A 189 -11.13 -32.67 -10.11
N ASP A 190 -12.17 -33.20 -10.74
CA ASP A 190 -12.00 -34.33 -11.65
C ASP A 190 -11.42 -33.92 -13.00
N ILE A 191 -11.68 -32.69 -13.43
CA ILE A 191 -11.21 -32.26 -14.75
C ILE A 191 -10.06 -31.26 -14.80
N CYS A 192 -9.72 -30.64 -13.67
CA CYS A 192 -8.72 -29.58 -13.61
C CYS A 192 -7.67 -29.83 -12.53
N ASN A 193 -6.41 -29.43 -12.74
CA ASN A 193 -5.39 -29.47 -11.69
C ASN A 193 -5.45 -28.25 -10.76
N LEU A 194 -6.01 -27.15 -11.26
CA LEU A 194 -6.21 -25.93 -10.46
C LEU A 194 -7.25 -25.10 -11.15
N TRP A 195 -7.92 -24.22 -10.40
CA TRP A 195 -8.94 -23.38 -10.96
C TRP A 195 -8.90 -21.99 -10.32
N ARG A 196 -9.11 -20.98 -11.13
CA ARG A 196 -9.28 -19.62 -10.64
C ARG A 196 -10.73 -19.44 -10.19
N ASN A 197 -10.91 -19.34 -8.87
CA ASN A 197 -12.24 -19.26 -8.24
C ASN A 197 -12.89 -17.88 -8.36
N TYR A 198 -12.06 -16.86 -8.44
CA TYR A 198 -12.50 -15.50 -8.09
C TYR A 198 -11.81 -14.43 -8.95
N ASP A 199 -12.00 -13.16 -8.59
CA ASP A 199 -11.59 -12.03 -9.39
C ASP A 199 -10.07 -11.92 -9.54
N ASP A 200 -9.67 -11.38 -10.68
CA ASP A 200 -8.29 -11.15 -11.02
C ASP A 200 -7.65 -10.29 -9.92
N ILE A 201 -6.42 -10.63 -9.54
CA ILE A 201 -5.66 -9.81 -8.59
C ILE A 201 -5.16 -8.58 -9.33
N GLN A 202 -5.08 -7.47 -8.59
CA GLN A 202 -4.52 -6.23 -9.08
C GLN A 202 -3.42 -5.81 -8.11
N ASP A 203 -2.58 -4.87 -8.53
CA ASP A 203 -1.41 -4.54 -7.74
C ASP A 203 -1.76 -3.53 -6.61
N SER A 204 -2.51 -4.05 -5.64
CA SER A 204 -2.94 -3.27 -4.49
C SER A 204 -3.21 -4.17 -3.30
N TRP A 205 -3.04 -3.60 -2.12
CA TRP A 205 -3.42 -4.30 -0.90
C TRP A 205 -4.90 -4.54 -0.81
N TRP A 206 -5.70 -3.56 -1.23
CA TRP A 206 -7.17 -3.73 -1.29
C TRP A 206 -7.56 -5.00 -2.07
N SER A 207 -6.87 -5.26 -3.18
CA SER A 207 -7.15 -6.42 -3.99
C SER A 207 -6.82 -7.71 -3.23
N VAL A 208 -5.65 -7.74 -2.60
CA VAL A 208 -5.26 -8.90 -1.78
C VAL A 208 -6.34 -9.17 -0.71
N LEU A 209 -6.71 -8.12 0.01
CA LEU A 209 -7.73 -8.27 1.05
C LEU A 209 -9.09 -8.76 0.52
N SER A 210 -9.49 -8.26 -0.66
CA SER A 210 -10.77 -8.62 -1.28
C SER A 210 -10.78 -10.13 -1.54
N ILE A 211 -9.67 -10.62 -2.07
CA ILE A 211 -9.52 -12.05 -2.38
C ILE A 211 -9.48 -12.89 -1.09
N LEU A 212 -8.64 -12.47 -0.14
N LEU A 212 -8.65 -12.46 -0.14
CA LEU A 212 -8.57 -13.17 1.15
CA LEU A 212 -8.56 -13.18 1.11
C LEU A 212 -9.95 -13.27 1.79
C LEU A 212 -9.92 -13.25 1.82
N ASN A 213 -10.68 -12.15 1.79
CA ASN A 213 -12.02 -12.11 2.41
C ASN A 213 -12.99 -13.09 1.77
N TRP A 214 -12.96 -13.17 0.44
CA TRP A 214 -13.89 -14.05 -0.26
C TRP A 214 -13.49 -15.50 0.06
N PHE A 215 -12.20 -15.79 0.02
CA PHE A 215 -11.74 -17.14 0.37
C PHE A 215 -12.12 -17.52 1.80
N VAL A 216 -11.97 -16.61 2.76
CA VAL A 216 -12.25 -16.97 4.15
CA VAL A 216 -12.27 -16.92 4.16
C VAL A 216 -13.77 -17.06 4.38
N GLU A 217 -14.55 -16.18 3.76
CA GLU A 217 -16.02 -16.21 3.84
C GLU A 217 -16.56 -17.56 3.38
N HIS A 218 -15.88 -18.16 2.39
CA HIS A 218 -16.34 -19.41 1.78
C HIS A 218 -15.46 -20.61 2.05
N GLN A 219 -14.66 -20.55 3.12
CA GLN A 219 -13.68 -21.60 3.35
C GLN A 219 -14.33 -22.95 3.69
N ASP A 220 -15.53 -22.95 4.25
CA ASP A 220 -16.19 -24.23 4.51
C ASP A 220 -16.45 -25.03 3.21
N ILE A 221 -16.64 -24.32 2.10
CA ILE A 221 -16.85 -24.94 0.78
C ILE A 221 -15.50 -25.20 0.10
N LEU A 222 -14.59 -24.22 0.19
CA LEU A 222 -13.36 -24.26 -0.59
C LEU A 222 -12.26 -25.11 0.03
N GLN A 223 -12.13 -25.09 1.35
CA GLN A 223 -11.03 -25.80 1.99
C GLN A 223 -11.01 -27.30 1.70
N PRO A 224 -12.18 -27.98 1.76
CA PRO A 224 -12.16 -29.43 1.58
C PRO A 224 -11.83 -29.91 0.17
N VAL A 225 -12.03 -29.05 -0.84
CA VAL A 225 -11.92 -29.48 -2.22
C VAL A 225 -10.48 -29.48 -2.74
N ALA A 226 -9.60 -28.75 -2.07
CA ALA A 226 -8.18 -28.69 -2.42
C ALA A 226 -7.43 -29.91 -1.96
N GLY A 227 -6.47 -30.34 -2.77
CA GLY A 227 -5.60 -31.43 -2.40
C GLY A 227 -4.68 -31.77 -3.54
N PRO A 228 -3.79 -32.74 -3.35
CA PRO A 228 -2.84 -33.12 -4.38
C PRO A 228 -3.53 -33.34 -5.73
N GLY A 229 -3.06 -32.60 -6.73
CA GLY A 229 -3.59 -32.66 -8.08
C GLY A 229 -4.79 -31.79 -8.39
N HIS A 230 -5.30 -31.04 -7.42
CA HIS A 230 -6.50 -30.23 -7.62
C HIS A 230 -6.58 -29.08 -6.61
N TRP A 231 -6.09 -27.91 -7.01
CA TRP A 231 -5.94 -26.76 -6.10
C TRP A 231 -6.90 -25.61 -6.37
N ASN A 232 -7.26 -24.89 -5.30
CA ASN A 232 -7.87 -23.58 -5.45
C ASN A 232 -6.76 -22.59 -5.85
N ASP A 233 -7.08 -21.60 -6.67
CA ASP A 233 -6.07 -20.64 -7.14
C ASP A 233 -6.57 -19.22 -6.88
N PRO A 234 -6.06 -18.57 -5.81
CA PRO A 234 -6.47 -17.17 -5.55
C PRO A 234 -5.72 -16.09 -6.38
N ASP A 235 -4.93 -16.55 -7.35
CA ASP A 235 -4.22 -15.73 -8.35
C ASP A 235 -2.76 -15.43 -7.92
N MET A 236 -2.08 -14.65 -8.77
CA MET A 236 -0.66 -14.43 -8.76
C MET A 236 -0.22 -13.69 -7.52
N LEU A 237 1.01 -13.99 -7.16
CA LEU A 237 1.76 -13.20 -6.17
C LEU A 237 2.10 -11.82 -6.73
N LEU A 238 1.99 -10.79 -5.87
CA LEU A 238 2.30 -9.39 -6.25
C LEU A 238 3.69 -8.95 -5.81
N ILE A 239 4.39 -9.84 -5.12
CA ILE A 239 5.67 -9.54 -4.50
C ILE A 239 6.68 -9.18 -5.59
N GLY A 240 7.34 -8.03 -5.41
CA GLY A 240 8.29 -7.50 -6.38
C GLY A 240 7.75 -6.33 -7.20
N ASN A 241 6.46 -6.02 -7.09
CA ASN A 241 5.81 -4.98 -7.91
C ASN A 241 5.62 -3.69 -7.11
N PHE A 242 4.54 -2.95 -7.33
CA PHE A 242 4.48 -1.55 -6.91
C PHE A 242 3.57 -1.25 -5.75
N GLY A 243 2.57 -2.08 -5.58
CA GLY A 243 1.43 -1.79 -4.73
C GLY A 243 1.52 -2.24 -3.29
N LEU A 244 2.29 -3.28 -3.04
CA LEU A 244 2.45 -3.81 -1.68
C LEU A 244 3.67 -3.28 -0.96
N SER A 245 3.45 -2.87 0.30
CA SER A 245 4.51 -2.61 1.21
C SER A 245 5.26 -3.89 1.58
N LEU A 246 6.36 -3.73 2.30
CA LEU A 246 7.10 -4.88 2.76
C LEU A 246 6.26 -5.80 3.65
N GLU A 247 5.55 -5.22 4.61
CA GLU A 247 4.72 -6.05 5.49
C GLU A 247 3.66 -6.80 4.67
N GLN A 248 3.04 -6.10 3.72
CA GLN A 248 1.98 -6.66 2.88
C GLN A 248 2.53 -7.77 1.98
N SER A 249 3.75 -7.60 1.51
CA SER A 249 4.36 -8.60 0.63
C SER A 249 4.59 -9.88 1.42
N ARG A 250 5.14 -9.73 2.63
CA ARG A 250 5.36 -10.87 3.49
C ARG A 250 4.04 -11.52 3.88
N ALA A 251 3.00 -10.72 4.06
CA ALA A 251 1.69 -11.24 4.40
C ALA A 251 1.12 -12.09 3.25
N GLN A 252 1.19 -11.58 2.02
CA GLN A 252 0.63 -12.34 0.91
C GLN A 252 1.33 -13.69 0.77
N MET A 253 2.65 -13.72 0.91
CA MET A 253 3.40 -14.96 0.78
C MET A 253 2.94 -15.97 1.84
N ALA A 254 2.86 -15.50 3.09
CA ALA A 254 2.45 -16.36 4.19
C ALA A 254 1.01 -16.88 4.01
N LEU A 255 0.09 -16.01 3.60
CA LEU A 255 -1.31 -16.37 3.51
C LEU A 255 -1.56 -17.28 2.30
N TRP A 256 -0.92 -17.00 1.17
CA TRP A 256 -1.03 -17.92 0.03
C TRP A 256 -0.48 -19.31 0.41
N THR A 257 0.59 -19.32 1.22
CA THR A 257 1.20 -20.58 1.64
C THR A 257 0.26 -21.37 2.54
N VAL A 258 -0.38 -20.69 3.51
CA VAL A 258 -1.31 -21.41 4.40
CA VAL A 258 -1.33 -21.35 4.42
C VAL A 258 -2.56 -21.87 3.67
N LEU A 259 -2.90 -21.19 2.55
CA LEU A 259 -4.02 -21.57 1.70
C LEU A 259 -3.68 -22.66 0.64
N ALA A 260 -2.45 -23.19 0.67
CA ALA A 260 -2.04 -24.19 -0.31
C ALA A 260 -2.30 -23.66 -1.74
N ALA A 261 -2.00 -22.38 -1.94
CA ALA A 261 -2.14 -21.73 -3.24
C ALA A 261 -0.93 -22.02 -4.13
N PRO A 262 -1.12 -21.96 -5.44
CA PRO A 262 0.01 -21.83 -6.34
C PRO A 262 0.86 -20.67 -5.92
N LEU A 263 2.17 -20.81 -6.12
CA LEU A 263 3.08 -19.69 -5.95
C LEU A 263 3.56 -19.28 -7.35
N LEU A 264 2.66 -18.57 -8.05
CA LEU A 264 2.89 -18.08 -9.40
C LEU A 264 3.24 -16.58 -9.29
N MET A 265 4.52 -16.28 -9.37
CA MET A 265 4.97 -14.90 -9.41
C MET A 265 4.63 -14.22 -10.69
N SER A 266 4.69 -12.90 -10.67
CA SER A 266 4.45 -12.10 -11.87
C SER A 266 5.09 -10.75 -11.61
N THR A 267 6.36 -10.68 -11.90
CA THR A 267 7.17 -9.54 -11.53
C THR A 267 8.42 -9.52 -12.41
N ASP A 268 9.11 -8.39 -12.46
CA ASP A 268 10.30 -8.31 -13.29
C ASP A 268 11.46 -8.95 -12.55
N LEU A 269 11.75 -10.21 -12.89
CA LEU A 269 12.88 -10.92 -12.27
C LEU A 269 14.26 -10.31 -12.60
N ARG A 270 14.33 -9.44 -13.60
CA ARG A 270 15.59 -8.84 -13.98
C ARG A 270 16.01 -7.74 -13.01
N THR A 271 15.06 -7.19 -12.28
CA THR A 271 15.33 -6.05 -11.40
C THR A 271 14.84 -6.23 -9.95
N ILE A 272 14.32 -7.43 -9.64
CA ILE A 272 13.71 -7.69 -8.35
C ILE A 272 14.69 -7.39 -7.20
N SER A 273 14.18 -6.71 -6.17
CA SER A 273 15.02 -6.35 -5.03
C SER A 273 15.42 -7.57 -4.22
N ALA A 274 16.56 -7.45 -3.53
CA ALA A 274 17.04 -8.48 -2.60
C ALA A 274 15.98 -8.80 -1.54
N GLN A 275 15.35 -7.77 -1.00
CA GLN A 275 14.32 -7.99 0.03
C GLN A 275 13.18 -8.85 -0.48
N ASN A 276 12.75 -8.57 -1.69
CA ASN A 276 11.64 -9.33 -2.28
C ASN A 276 12.05 -10.76 -2.68
N MET A 277 13.25 -10.92 -3.20
N MET A 277 13.25 -10.92 -3.20
CA MET A 277 13.77 -12.26 -3.47
CA MET A 277 13.77 -12.25 -3.50
C MET A 277 13.78 -13.09 -2.19
C MET A 277 13.85 -13.10 -2.22
N ASP A 278 14.21 -12.48 -1.10
CA ASP A 278 14.32 -13.18 0.17
C ASP A 278 12.97 -13.69 0.68
N ILE A 279 11.90 -12.97 0.38
CA ILE A 279 10.56 -13.42 0.71
C ILE A 279 10.20 -14.66 -0.14
N LEU A 280 10.35 -14.52 -1.44
CA LEU A 280 9.90 -15.53 -2.39
C LEU A 280 10.77 -16.80 -2.32
N GLN A 281 12.04 -16.67 -1.93
CA GLN A 281 12.96 -17.81 -1.87
C GLN A 281 13.15 -18.37 -0.45
N ASN A 282 12.24 -18.01 0.45
CA ASN A 282 12.32 -18.46 1.84
C ASN A 282 12.14 -20.00 1.89
N PRO A 283 13.19 -20.74 2.32
CA PRO A 283 13.10 -22.21 2.10
C PRO A 283 11.99 -22.91 2.92
N LEU A 284 11.84 -22.51 4.18
CA LEU A 284 10.79 -23.07 5.02
C LEU A 284 9.38 -22.70 4.54
N MET A 285 9.19 -21.46 4.08
CA MET A 285 7.94 -21.06 3.52
C MET A 285 7.57 -21.99 2.36
N ILE A 286 8.54 -22.25 1.48
CA ILE A 286 8.26 -23.09 0.32
C ILE A 286 7.98 -24.53 0.76
N LYS A 287 8.73 -25.01 1.73
CA LYS A 287 8.52 -26.37 2.29
C LYS A 287 7.07 -26.50 2.78
N ILE A 288 6.60 -25.49 3.48
CA ILE A 288 5.21 -25.47 3.95
C ILE A 288 4.23 -25.45 2.77
N ASN A 289 4.42 -24.54 1.82
CA ASN A 289 3.54 -24.49 0.68
C ASN A 289 3.44 -25.84 -0.02
N GLN A 290 4.61 -26.49 -0.13
CA GLN A 290 4.77 -27.74 -0.87
C GLN A 290 4.55 -28.98 -0.04
N ASP A 291 3.93 -28.83 1.12
CA ASP A 291 3.77 -29.97 2.02
C ASP A 291 3.03 -31.12 1.32
N PRO A 292 3.52 -32.35 1.46
CA PRO A 292 2.94 -33.43 0.66
C PRO A 292 1.48 -33.78 0.96
N LEU A 293 0.98 -33.48 2.16
CA LEU A 293 -0.43 -33.78 2.45
C LEU A 293 -1.37 -32.91 1.63
N GLY A 294 -0.92 -31.71 1.24
CA GLY A 294 -1.76 -30.86 0.41
C GLY A 294 -3.07 -30.44 1.04
N ILE A 295 -3.07 -30.22 2.36
CA ILE A 295 -4.28 -29.82 3.08
C ILE A 295 -4.32 -28.31 3.15
N GLN A 296 -5.32 -27.71 2.53
CA GLN A 296 -5.48 -26.26 2.58
C GLN A 296 -5.83 -25.85 4.01
N GLY A 297 -5.26 -24.72 4.44
CA GLY A 297 -5.49 -24.16 5.76
C GLY A 297 -6.79 -23.38 5.85
N ARG A 298 -7.07 -22.92 7.07
N ARG A 298 -7.02 -22.82 7.04
CA ARG A 298 -8.26 -22.10 7.32
CA ARG A 298 -8.27 -22.17 7.43
C ARG A 298 -7.96 -20.98 8.30
C ARG A 298 -7.95 -20.98 8.31
N ARG A 299 -8.80 -19.96 8.30
CA ARG A 299 -8.79 -18.99 9.40
C ARG A 299 -9.47 -19.69 10.58
N ILE A 300 -8.79 -19.73 11.72
CA ILE A 300 -9.31 -20.39 12.90
C ILE A 300 -9.80 -19.41 13.98
N HIS A 301 -9.32 -18.17 13.95
CA HIS A 301 -9.67 -17.16 14.95
C HIS A 301 -9.72 -15.79 14.32
N LYS A 302 -10.69 -14.97 14.73
CA LYS A 302 -10.76 -13.54 14.38
C LYS A 302 -11.14 -12.81 15.67
N GLU A 303 -10.29 -11.88 16.09
CA GLU A 303 -10.43 -11.21 17.39
C GLU A 303 -10.91 -9.77 17.17
N LYS A 304 -11.56 -9.18 18.17
CA LYS A 304 -11.96 -7.77 18.07
C LYS A 304 -10.77 -6.81 17.96
N SER A 305 -9.57 -7.28 18.33
CA SER A 305 -8.33 -6.54 18.12
C SER A 305 -7.92 -6.43 16.65
N LEU A 306 -8.66 -7.15 15.79
CA LEU A 306 -8.40 -7.26 14.34
C LEU A 306 -7.17 -8.13 14.02
N ILE A 307 -6.76 -8.94 14.99
CA ILE A 307 -5.79 -10.01 14.72
C ILE A 307 -6.56 -11.25 14.30
N GLU A 308 -6.10 -11.87 13.20
CA GLU A 308 -6.65 -13.11 12.70
C GLU A 308 -5.58 -14.18 12.80
N VAL A 309 -6.02 -15.41 13.04
CA VAL A 309 -5.10 -16.54 13.08
C VAL A 309 -5.55 -17.59 12.08
N TYR A 310 -4.61 -17.97 11.21
CA TYR A 310 -4.81 -19.03 10.24
C TYR A 310 -3.95 -20.23 10.65
N MET A 311 -4.43 -21.43 10.35
CA MET A 311 -3.69 -22.64 10.64
C MET A 311 -3.75 -23.61 9.45
N ARG A 312 -2.61 -24.18 9.08
CA ARG A 312 -2.54 -25.24 8.07
C ARG A 312 -1.92 -26.49 8.66
N PRO A 313 -2.62 -27.64 8.55
CA PRO A 313 -2.01 -28.89 9.00
C PRO A 313 -0.98 -29.39 8.01
N LEU A 314 0.11 -29.96 8.53
CA LEU A 314 1.22 -30.40 7.73
C LEU A 314 1.64 -31.84 8.05
N SER A 315 2.59 -32.34 7.25
CA SER A 315 3.16 -33.65 7.43
C SER A 315 3.87 -33.80 8.79
N ASN A 316 3.93 -35.04 9.25
CA ASN A 316 4.74 -35.32 10.42
C ASN A 316 4.29 -34.59 11.69
N LYS A 317 2.97 -34.44 11.82
CA LYS A 317 2.32 -33.85 12.98
C LYS A 317 2.59 -32.34 13.14
N ALA A 318 3.15 -31.71 12.11
CA ALA A 318 3.51 -30.30 12.15
C ALA A 318 2.31 -29.44 11.70
N SER A 319 2.42 -28.14 11.95
CA SER A 319 1.40 -27.16 11.61
C SER A 319 2.08 -25.86 11.21
N ALA A 320 1.39 -25.05 10.41
CA ALA A 320 1.76 -23.66 10.20
C ALA A 320 0.72 -22.77 10.84
N LEU A 321 1.16 -21.74 11.55
CA LEU A 321 0.26 -20.72 12.06
C LEU A 321 0.65 -19.37 11.46
N VAL A 322 -0.34 -18.61 11.02
CA VAL A 322 -0.12 -17.25 10.58
C VAL A 322 -0.98 -16.35 11.46
N PHE A 323 -0.30 -15.44 12.17
CA PHE A 323 -0.92 -14.39 12.95
C PHE A 323 -0.90 -13.14 12.07
N PHE A 324 -2.09 -12.67 11.70
CA PHE A 324 -2.26 -11.63 10.70
C PHE A 324 -2.95 -10.40 11.29
N SER A 325 -2.29 -9.25 11.24
CA SER A 325 -2.88 -8.01 11.72
C SER A 325 -3.58 -7.22 10.62
N CYS A 326 -4.90 -7.05 10.76
CA CYS A 326 -5.65 -6.14 9.90
C CYS A 326 -5.80 -4.76 10.55
N ARG A 327 -5.02 -4.51 11.59
CA ARG A 327 -4.94 -3.17 12.17
C ARG A 327 -4.19 -2.24 11.24
N THR A 328 -4.49 -0.96 11.37
CA THR A 328 -3.86 0.08 10.57
C THR A 328 -3.27 1.18 11.44
N ASP A 329 -2.80 0.81 12.63
CA ASP A 329 -2.21 1.78 13.54
C ASP A 329 -0.72 1.58 13.80
N MET A 330 -0.37 0.52 14.51
CA MET A 330 1.01 0.34 14.92
C MET A 330 1.21 -1.12 15.30
N PRO A 331 2.47 -1.51 15.60
CA PRO A 331 2.69 -2.89 16.02
C PRO A 331 1.80 -3.25 17.20
N TYR A 332 1.35 -4.51 17.21
CA TYR A 332 0.43 -5.03 18.21
C TYR A 332 1.03 -6.26 18.86
N ARG A 333 1.01 -6.27 20.20
CA ARG A 333 1.49 -7.39 20.99
C ARG A 333 0.31 -8.35 21.21
N TYR A 334 0.31 -9.43 20.46
CA TYR A 334 -0.77 -10.40 20.50
C TYR A 334 -0.42 -11.48 21.51
N HIS A 335 -1.26 -11.65 22.52
CA HIS A 335 -1.04 -12.60 23.59
C HIS A 335 -1.94 -13.81 23.38
N SER A 336 -1.36 -15.00 23.35
CA SER A 336 -2.16 -16.22 23.19
C SER A 336 -1.48 -17.42 23.82
N SER A 337 -2.03 -18.59 23.54
CA SER A 337 -1.43 -19.87 23.92
C SER A 337 -1.91 -20.92 22.92
N LEU A 338 -1.17 -22.01 22.79
CA LEU A 338 -1.56 -23.05 21.83
C LEU A 338 -2.91 -23.67 22.23
N GLY A 339 -3.16 -23.78 23.54
CA GLY A 339 -4.46 -24.23 24.02
C GLY A 339 -5.63 -23.37 23.57
N GLN A 340 -5.42 -22.05 23.49
CA GLN A 340 -6.45 -21.13 23.01
C GLN A 340 -6.65 -21.23 21.49
N LEU A 341 -5.69 -21.84 20.80
CA LEU A 341 -5.76 -22.07 19.37
C LEU A 341 -6.07 -23.55 19.00
N ASN A 342 -6.66 -24.28 19.96
CA ASN A 342 -7.20 -25.64 19.75
C ASN A 342 -6.17 -26.74 19.53
N PHE A 343 -4.98 -26.60 20.11
CA PHE A 343 -3.95 -27.63 19.94
C PHE A 343 -4.11 -28.81 20.90
N THR A 344 -3.51 -29.95 20.54
CA THR A 344 -3.61 -31.20 21.33
C THR A 344 -2.88 -31.06 22.66
N GLY A 345 -3.55 -31.49 23.73
CA GLY A 345 -3.03 -31.37 25.11
C GLY A 345 -1.95 -32.37 25.47
N SER A 346 -1.13 -31.99 26.47
CA SER A 346 0.00 -32.80 26.96
C SER A 346 1.20 -32.92 26.00
N VAL A 347 1.04 -32.47 24.76
CA VAL A 347 2.15 -32.43 23.81
C VAL A 347 2.98 -31.16 24.10
N ILE A 348 4.31 -31.28 23.98
CA ILE A 348 5.23 -30.14 24.04
C ILE A 348 5.66 -29.81 22.61
N TYR A 349 5.65 -28.53 22.27
CA TYR A 349 5.95 -28.08 20.91
C TYR A 349 7.21 -27.19 20.82
N GLU A 350 7.73 -27.12 19.61
CA GLU A 350 8.76 -26.16 19.24
C GLU A 350 8.27 -25.43 18.00
N ALA A 351 8.56 -24.14 17.95
CA ALA A 351 8.14 -23.29 16.82
C ALA A 351 9.34 -22.60 16.21
N GLN A 352 9.36 -22.52 14.88
CA GLN A 352 10.29 -21.66 14.17
C GLN A 352 9.53 -20.54 13.47
N ASP A 353 9.98 -19.32 13.73
CA ASP A 353 9.47 -18.13 13.08
C ASP A 353 9.98 -18.19 11.65
N VAL A 354 9.07 -18.26 10.69
CA VAL A 354 9.43 -18.51 9.30
C VAL A 354 10.24 -17.35 8.71
N TYR A 355 9.95 -16.13 9.13
CA TYR A 355 10.68 -14.96 8.62
C TYR A 355 11.96 -14.59 9.37
N SER A 356 11.98 -14.69 10.70
CA SER A 356 13.19 -14.40 11.45
C SER A 356 14.13 -15.58 11.60
N GLY A 357 13.58 -16.80 11.55
CA GLY A 357 14.33 -18.02 11.74
C GLY A 357 14.50 -18.39 13.19
N ASP A 358 14.00 -17.54 14.10
CA ASP A 358 14.16 -17.77 15.53
C ASP A 358 13.33 -18.96 16.01
N ILE A 359 13.83 -19.64 17.03
CA ILE A 359 13.21 -20.85 17.55
C ILE A 359 12.65 -20.59 18.96
N ILE A 360 11.38 -20.96 19.14
CA ILE A 360 10.67 -20.88 20.41
C ILE A 360 10.39 -22.32 20.85
N SER A 361 11.02 -22.76 21.93
CA SER A 361 10.95 -24.17 22.29
C SER A 361 10.30 -24.39 23.64
N GLY A 362 9.63 -25.54 23.79
CA GLY A 362 9.03 -25.92 25.07
C GLY A 362 7.67 -25.31 25.33
N LEU A 363 6.90 -25.14 24.26
CA LEU A 363 5.55 -24.61 24.36
C LEU A 363 4.57 -25.74 24.70
N ARG A 364 3.90 -25.62 25.83
CA ARG A 364 2.79 -26.51 26.16
C ARG A 364 1.52 -25.77 25.82
N ASP A 365 0.39 -26.47 25.79
CA ASP A 365 -0.88 -25.80 25.46
C ASP A 365 -1.12 -24.60 26.38
N GLU A 366 -0.74 -24.72 27.65
CA GLU A 366 -1.01 -23.68 28.64
C GLU A 366 -0.01 -22.53 28.64
N THR A 367 1.09 -22.67 27.89
CA THR A 367 2.16 -21.68 27.88
C THR A 367 1.69 -20.39 27.17
N ASN A 368 1.71 -19.29 27.91
CA ASN A 368 1.43 -17.99 27.36
C ASN A 368 2.60 -17.54 26.49
N PHE A 369 2.29 -17.03 25.29
CA PHE A 369 3.31 -16.39 24.47
C PHE A 369 2.76 -15.10 23.90
N THR A 370 3.68 -14.25 23.45
CA THR A 370 3.37 -12.99 22.79
C THR A 370 4.10 -12.94 21.45
N VAL A 371 3.38 -12.57 20.40
CA VAL A 371 3.99 -12.24 19.12
C VAL A 371 3.69 -10.77 18.78
N ILE A 372 4.67 -10.09 18.19
CA ILE A 372 4.53 -8.70 17.81
C ILE A 372 4.25 -8.66 16.32
N ILE A 373 3.06 -8.17 15.97
CA ILE A 373 2.59 -8.18 14.58
C ILE A 373 2.43 -6.74 14.09
N ASN A 374 3.04 -6.44 12.95
CA ASN A 374 2.97 -5.11 12.38
C ASN A 374 1.70 -4.93 11.55
N PRO A 375 1.24 -3.67 11.40
CA PRO A 375 -0.02 -3.46 10.70
C PRO A 375 0.05 -3.92 9.24
N SER A 376 -1.03 -4.55 8.77
CA SER A 376 -1.09 -5.19 7.44
C SER A 376 0.06 -6.19 7.25
N GLY A 377 0.46 -6.81 8.35
CA GLY A 377 1.57 -7.76 8.37
C GLY A 377 1.25 -9.04 9.11
N VAL A 378 2.24 -9.93 9.15
CA VAL A 378 2.07 -11.25 9.76
C VAL A 378 3.26 -11.62 10.64
N VAL A 379 3.01 -12.58 11.52
CA VAL A 379 4.04 -13.42 12.09
C VAL A 379 3.63 -14.84 11.71
N MET A 380 4.60 -15.64 11.27
CA MET A 380 4.32 -17.01 10.84
C MET A 380 5.20 -17.98 11.58
N TRP A 381 4.58 -19.02 12.13
CA TRP A 381 5.29 -20.09 12.82
C TRP A 381 5.10 -21.42 12.11
N TYR A 382 6.17 -22.19 12.09
CA TYR A 382 6.16 -23.61 11.76
C TYR A 382 6.32 -24.34 13.10
N LEU A 383 5.31 -25.14 13.47
CA LEU A 383 5.19 -25.70 14.82
C LEU A 383 5.14 -27.22 14.72
N TYR A 384 5.85 -27.91 15.63
CA TYR A 384 5.86 -29.35 15.66
C TYR A 384 6.09 -29.88 17.07
N PRO A 385 5.59 -31.09 17.36
CA PRO A 385 5.88 -31.70 18.65
C PRO A 385 7.36 -32.04 18.84
N ILE A 386 7.83 -31.96 20.07
CA ILE A 386 9.17 -32.42 20.43
C ILE A 386 9.15 -33.31 21.65
N LYS A 387 10.20 -34.10 21.76
CA LYS A 387 10.55 -34.84 22.96
C LYS A 387 11.66 -34.09 23.71
N LEU B 1 -5.57 32.56 10.80
CA LEU B 1 -5.50 33.29 12.12
C LEU B 1 -4.33 34.29 12.07
N ASP B 2 -4.65 35.56 12.36
CA ASP B 2 -3.71 36.67 12.20
C ASP B 2 -2.82 36.84 13.43
N ASN B 3 -2.04 35.79 13.73
CA ASN B 3 -1.13 35.80 14.88
C ASN B 3 0.35 35.77 14.46
N GLY B 4 0.61 36.01 13.19
CA GLY B 4 1.98 36.06 12.66
C GLY B 4 2.59 34.70 12.40
N LEU B 5 1.87 33.62 12.72
CA LEU B 5 2.43 32.29 12.60
C LEU B 5 1.96 31.54 11.36
N LEU B 6 2.76 30.56 10.96
CA LEU B 6 2.42 29.62 9.89
C LEU B 6 2.04 30.32 8.60
N GLN B 7 2.88 31.28 8.22
CA GLN B 7 2.75 31.93 6.92
C GLN B 7 3.02 30.95 5.77
N THR B 8 3.65 29.82 6.11
CA THR B 8 3.78 28.66 5.25
C THR B 8 3.26 27.46 6.08
N PRO B 9 2.95 26.33 5.42
CA PRO B 9 2.38 25.25 6.24
C PRO B 9 3.36 24.75 7.29
N PRO B 10 2.82 24.32 8.45
CA PRO B 10 3.71 23.81 9.48
C PRO B 10 4.36 22.51 9.03
N MET B 11 5.62 22.36 9.41
CA MET B 11 6.39 21.14 9.18
C MET B 11 6.89 20.65 10.52
N GLY B 12 6.82 19.34 10.73
CA GLY B 12 7.27 18.77 11.98
C GLY B 12 6.91 17.32 12.13
N TRP B 13 6.75 16.92 13.38
CA TRP B 13 6.55 15.53 13.78
C TRP B 13 5.45 15.55 14.84
N LEU B 14 4.50 14.62 14.72
CA LEU B 14 3.34 14.49 15.61
C LEU B 14 3.28 13.02 16.05
N ALA B 15 3.12 12.79 17.35
CA ALA B 15 3.26 11.44 17.90
C ALA B 15 2.15 10.45 17.50
N TRP B 16 0.98 10.95 17.09
CA TRP B 16 -0.23 10.13 17.14
C TRP B 16 -0.26 8.93 16.17
N GLU B 17 -0.02 9.15 14.89
CA GLU B 17 -0.30 8.05 13.95
C GLU B 17 0.53 6.84 14.30
N ARG B 18 1.82 7.04 14.58
CA ARG B 18 2.74 5.91 14.78
C ARG B 18 2.72 5.34 16.21
N PHE B 19 2.54 6.23 17.20
CA PHE B 19 2.76 5.81 18.61
C PHE B 19 1.46 5.77 19.42
N ARG B 20 0.42 6.43 18.90
CA ARG B 20 -0.96 6.31 19.37
C ARG B 20 -1.07 6.54 20.89
N CYS B 21 -1.81 5.67 21.60
CA CYS B 21 -2.01 5.80 23.04
C CYS B 21 -1.28 4.72 23.82
N ASN B 22 -0.04 4.45 23.42
CA ASN B 22 0.78 3.47 24.11
C ASN B 22 1.40 4.06 25.37
N ILE B 23 0.85 3.66 26.50
CA ILE B 23 1.30 4.16 27.80
C ILE B 23 1.98 3.07 28.64
N ASN B 24 2.22 1.89 28.05
CA ASN B 24 2.86 0.78 28.78
C ASN B 24 4.38 0.90 28.76
N CYS B 25 4.89 1.82 29.58
CA CYS B 25 6.35 2.02 29.63
C CYS B 25 7.07 0.89 30.32
N ASP B 26 6.36 0.16 31.19
CA ASP B 26 6.94 -1.01 31.88
C ASP B 26 7.30 -2.12 30.90
N GLU B 27 6.43 -2.38 29.93
CA GLU B 27 6.65 -3.43 28.94
C GLU B 27 7.27 -2.92 27.64
N ASP B 28 7.13 -1.62 27.37
CA ASP B 28 7.51 -1.05 26.08
C ASP B 28 8.14 0.36 26.25
N PRO B 29 9.24 0.44 27.00
CA PRO B 29 9.83 1.76 27.34
C PRO B 29 10.28 2.61 26.14
N LYS B 30 10.57 1.99 25.01
CA LYS B 30 11.16 2.71 23.87
C LYS B 30 10.10 3.38 23.00
N ASN B 31 8.87 2.90 23.10
CA ASN B 31 7.81 3.32 22.19
C ASN B 31 6.60 3.90 22.91
N CYS B 32 6.63 3.97 24.24
CA CYS B 32 5.49 4.53 24.95
C CYS B 32 5.52 6.07 24.87
N ILE B 33 4.36 6.66 25.09
CA ILE B 33 4.20 8.11 25.15
C ILE B 33 4.87 8.63 26.42
N SER B 34 6.02 9.28 26.28
CA SER B 34 6.84 9.65 27.44
C SER B 34 7.83 10.75 27.07
N GLU B 35 8.35 11.42 28.09
CA GLU B 35 9.31 12.48 27.82
C GLU B 35 10.52 11.96 27.05
N GLN B 36 10.94 10.72 27.35
CA GLN B 36 12.08 10.08 26.66
C GLN B 36 11.83 10.02 25.16
N LEU B 37 10.62 9.62 24.79
CA LEU B 37 10.26 9.54 23.37
C LEU B 37 10.43 10.89 22.65
N PHE B 38 9.89 11.93 23.27
CA PHE B 38 9.97 13.26 22.73
C PHE B 38 11.38 13.81 22.67
N MET B 39 12.16 13.56 23.72
CA MET B 39 13.55 13.98 23.75
CA MET B 39 13.54 14.00 23.73
C MET B 39 14.38 13.30 22.66
N GLU B 40 14.21 11.98 22.52
CA GLU B 40 14.91 11.22 21.47
C GLU B 40 14.53 11.68 20.05
N MET B 41 13.25 11.96 19.83
CA MET B 41 12.78 12.50 18.54
C MET B 41 13.34 13.88 18.27
N ALA B 42 13.42 14.72 19.31
CA ALA B 42 14.04 16.06 19.18
C ALA B 42 15.51 15.93 18.79
N ASP B 43 16.23 15.00 19.42
CA ASP B 43 17.63 14.77 19.08
C ASP B 43 17.79 14.37 17.63
N ARG B 44 16.90 13.50 17.15
CA ARG B 44 16.95 13.08 15.75
C ARG B 44 16.61 14.24 14.81
N MET B 45 15.66 15.08 15.20
CA MET B 45 15.29 16.22 14.38
C MET B 45 16.44 17.23 14.27
N ALA B 46 17.17 17.43 15.37
CA ALA B 46 18.33 18.33 15.42
C ALA B 46 19.55 17.78 14.72
N GLN B 47 19.72 16.45 14.76
CA GLN B 47 20.99 15.85 14.30
C GLN B 47 20.92 15.29 12.89
N ASP B 48 19.73 14.88 12.45
CA ASP B 48 19.67 14.10 11.24
C ASP B 48 19.14 14.91 10.06
N GLY B 49 19.26 16.24 10.12
CA GLY B 49 18.75 17.09 9.02
C GLY B 49 17.34 17.65 9.01
N TRP B 50 16.47 17.11 9.86
CA TRP B 50 15.05 17.48 9.82
C TRP B 50 14.85 18.95 10.07
N ARG B 51 15.37 19.45 11.18
CA ARG B 51 15.24 20.87 11.52
C ARG B 51 15.85 21.75 10.45
N ASP B 52 17.02 21.38 9.96
CA ASP B 52 17.71 22.18 8.95
C ASP B 52 16.89 22.28 7.63
N MET B 53 16.05 21.27 7.34
CA MET B 53 15.22 21.24 6.14
C MET B 53 13.86 21.89 6.36
N GLY B 54 13.57 22.27 7.61
CA GLY B 54 12.37 23.05 7.94
C GLY B 54 11.41 22.39 8.90
N TYR B 55 11.69 21.14 9.28
CA TYR B 55 10.82 20.41 10.19
C TYR B 55 11.10 20.90 11.61
N THR B 56 10.26 21.82 12.10
CA THR B 56 10.56 22.51 13.35
C THR B 56 9.64 22.16 14.52
N TYR B 57 8.45 21.65 14.25
CA TYR B 57 7.51 21.32 15.32
C TYR B 57 7.67 19.88 15.79
N LEU B 58 7.60 19.69 17.11
N LEU B 58 7.66 19.70 17.11
CA LEU B 58 7.64 18.37 17.74
CA LEU B 58 7.61 18.38 17.73
C LEU B 58 6.44 18.31 18.67
C LEU B 58 6.38 18.40 18.61
N ASN B 59 5.38 17.60 18.24
CA ASN B 59 4.04 17.71 18.84
C ASN B 59 3.57 16.49 19.58
N ILE B 60 3.23 16.73 20.84
CA ILE B 60 2.56 15.80 21.71
C ILE B 60 1.09 15.74 21.31
N ASP B 61 0.54 14.52 21.29
CA ASP B 61 -0.88 14.31 21.01
C ASP B 61 -1.55 13.75 22.27
N ASP B 62 -2.61 12.94 22.11
CA ASP B 62 -3.39 12.47 23.25
C ASP B 62 -2.55 11.56 24.17
N CYS B 63 -3.04 11.40 25.39
CA CYS B 63 -2.50 10.47 26.42
C CYS B 63 -1.27 10.97 27.22
N TRP B 64 -1.03 12.29 27.27
CA TRP B 64 0.11 12.84 28.02
C TRP B 64 -0.27 13.23 29.45
N ILE B 65 -1.56 13.35 29.70
CA ILE B 65 -2.07 14.03 30.88
C ILE B 65 -2.12 13.07 32.05
N GLY B 66 -1.65 13.54 33.21
CA GLY B 66 -1.73 12.79 34.47
C GLY B 66 -3.04 13.07 35.18
N GLY B 67 -3.41 14.34 35.25
CA GLY B 67 -4.62 14.77 35.91
C GLY B 67 -4.61 16.28 36.06
N ARG B 68 -5.49 16.80 36.92
CA ARG B 68 -5.49 18.20 37.29
C ARG B 68 -5.12 18.30 38.77
N ASP B 69 -4.31 19.29 39.14
CA ASP B 69 -3.92 19.47 40.53
C ASP B 69 -5.08 20.06 41.34
N ALA B 70 -4.84 20.35 42.62
CA ALA B 70 -5.89 20.84 43.50
C ALA B 70 -6.47 22.20 43.07
N SER B 71 -5.73 22.95 42.26
CA SER B 71 -6.20 24.24 41.71
C SER B 71 -6.74 24.12 40.28
N GLY B 72 -6.80 22.89 39.76
CA GLY B 72 -7.34 22.63 38.43
C GLY B 72 -6.36 22.72 37.28
N ARG B 73 -5.07 22.89 37.59
CA ARG B 73 -4.02 23.02 36.58
C ARG B 73 -3.65 21.63 36.04
N LEU B 74 -3.61 21.50 34.72
CA LEU B 74 -3.19 20.25 34.09
C LEU B 74 -1.79 19.86 34.57
N MET B 75 -1.60 18.55 34.75
CA MET B 75 -0.30 17.98 35.04
C MET B 75 -0.06 16.85 34.03
N PRO B 76 1.18 16.71 33.54
CA PRO B 76 1.49 15.52 32.75
C PRO B 76 1.58 14.30 33.65
N ASP B 77 1.51 13.10 33.07
CA ASP B 77 1.67 11.87 33.84
C ASP B 77 3.06 11.88 34.46
N PRO B 78 3.14 11.88 35.79
CA PRO B 78 4.41 12.02 36.48
C PRO B 78 5.38 10.85 36.27
N LYS B 79 4.85 9.67 35.99
CA LYS B 79 5.67 8.48 35.75
C LYS B 79 6.30 8.52 34.36
N ARG B 80 5.61 9.14 33.41
CA ARG B 80 6.06 9.21 32.01
C ARG B 80 6.71 10.55 31.62
N PHE B 81 6.35 11.62 32.35
CA PHE B 81 6.97 12.94 32.17
C PHE B 81 7.53 13.43 33.51
N PRO B 82 8.53 12.70 34.07
CA PRO B 82 8.99 13.02 35.42
C PRO B 82 9.59 14.41 35.62
N HIS B 83 10.10 15.03 34.55
CA HIS B 83 10.71 16.36 34.67
C HIS B 83 9.72 17.49 34.42
N GLY B 84 8.53 17.15 33.93
CA GLY B 84 7.51 18.15 33.62
C GLY B 84 7.62 18.71 32.22
N ILE B 85 6.57 19.41 31.80
CA ILE B 85 6.50 19.96 30.43
C ILE B 85 7.43 21.17 30.19
N PRO B 86 7.56 22.08 31.18
CA PRO B 86 8.52 23.17 30.99
C PRO B 86 9.94 22.67 30.66
N PHE B 87 10.38 21.62 31.35
CA PHE B 87 11.69 21.00 31.09
C PHE B 87 11.76 20.53 29.64
N LEU B 88 10.71 19.88 29.20
CA LEU B 88 10.65 19.36 27.84
C LEU B 88 10.64 20.49 26.80
N ALA B 89 9.82 21.51 27.04
CA ALA B 89 9.80 22.69 26.18
C ALA B 89 11.18 23.34 26.10
N ASP B 90 11.85 23.47 27.26
CA ASP B 90 13.19 24.05 27.29
C ASP B 90 14.17 23.23 26.47
N TYR B 91 14.08 21.91 26.60
CA TYR B 91 14.96 21.01 25.88
C TYR B 91 14.76 21.15 24.38
N VAL B 92 13.49 21.10 23.98
CA VAL B 92 13.12 21.24 22.58
C VAL B 92 13.57 22.60 22.05
N HIS B 93 13.34 23.67 22.81
CA HIS B 93 13.82 24.99 22.42
C HIS B 93 15.34 25.08 22.30
N SER B 94 16.08 24.38 23.16
CA SER B 94 17.55 24.41 23.12
C SER B 94 18.14 23.84 21.81
N LEU B 95 17.32 23.06 21.10
CA LEU B 95 17.71 22.42 19.84
C LEU B 95 17.15 23.16 18.62
N GLY B 96 16.54 24.32 18.86
CA GLY B 96 15.98 25.13 17.77
C GLY B 96 14.66 24.62 17.24
N LEU B 97 13.93 23.89 18.08
CA LEU B 97 12.66 23.30 17.72
C LEU B 97 11.54 23.95 18.53
N LYS B 98 10.30 23.66 18.13
CA LYS B 98 9.13 24.18 18.77
C LYS B 98 8.31 23.02 19.32
N LEU B 99 7.65 23.24 20.46
CA LEU B 99 6.88 22.18 21.12
C LEU B 99 5.39 22.38 20.95
N GLY B 100 4.73 21.36 20.43
CA GLY B 100 3.29 21.34 20.34
C GLY B 100 2.68 20.45 21.37
N ILE B 101 1.47 20.80 21.79
CA ILE B 101 0.74 20.01 22.76
C ILE B 101 -0.71 19.82 22.29
N TYR B 102 -1.46 19.07 23.07
CA TYR B 102 -2.78 18.57 22.70
C TYR B 102 -3.73 18.76 23.87
N ALA B 103 -4.96 19.13 23.54
CA ALA B 103 -6.06 19.17 24.49
C ALA B 103 -7.35 18.83 23.74
N ASP B 104 -8.42 18.63 24.48
CA ASP B 104 -9.71 18.32 23.87
C ASP B 104 -10.81 19.25 24.38
N MET B 105 -11.51 19.88 23.44
CA MET B 105 -12.65 20.76 23.71
C MET B 105 -13.86 19.87 23.99
N GLY B 106 -14.02 19.50 25.25
CA GLY B 106 -15.04 18.54 25.64
C GLY B 106 -14.76 18.01 27.03
N ASN B 107 -15.54 17.05 27.45
CA ASN B 107 -15.42 16.47 28.80
C ASN B 107 -14.17 15.66 29.03
N PHE B 108 -13.72 14.95 28.00
CA PHE B 108 -12.50 14.14 28.04
C PHE B 108 -11.84 14.20 26.70
N THR B 109 -10.55 13.86 26.65
CA THR B 109 -9.88 13.62 25.38
C THR B 109 -10.49 12.37 24.75
N CYS B 110 -10.25 12.17 23.45
CA CYS B 110 -10.84 11.01 22.78
C CYS B 110 -10.47 9.69 23.49
N MET B 111 -9.27 9.61 24.08
CA MET B 111 -8.83 8.40 24.80
C MET B 111 -9.17 8.42 26.30
N GLY B 112 -9.96 9.41 26.72
CA GLY B 112 -10.52 9.45 28.08
C GLY B 112 -9.73 10.23 29.12
N TYR B 113 -8.75 11.01 28.67
CA TYR B 113 -7.94 11.82 29.57
C TYR B 113 -8.71 13.11 29.91
N PRO B 114 -8.25 13.86 30.93
CA PRO B 114 -9.02 15.04 31.31
C PRO B 114 -9.28 16.01 30.14
N GLY B 115 -10.55 16.38 30.00
CA GLY B 115 -11.00 17.31 28.97
C GLY B 115 -10.83 18.77 29.33
N THR B 116 -10.71 19.59 28.30
CA THR B 116 -10.68 21.04 28.45
C THR B 116 -12.09 21.50 28.21
N THR B 117 -12.86 21.54 29.29
CA THR B 117 -14.23 21.98 29.25
C THR B 117 -14.22 23.51 29.09
N LEU B 118 -15.38 24.08 28.81
CA LEU B 118 -15.48 25.54 28.69
C LEU B 118 -14.93 26.28 29.92
N ASP B 119 -15.15 25.72 31.11
CA ASP B 119 -14.69 26.33 32.37
C ASP B 119 -13.16 26.31 32.52
N LYS B 120 -12.49 25.45 31.73
CA LYS B 120 -11.04 25.29 31.82
C LYS B 120 -10.27 25.87 30.63
N VAL B 121 -11.00 26.38 29.64
CA VAL B 121 -10.36 26.90 28.42
C VAL B 121 -9.27 27.93 28.74
N VAL B 122 -9.63 28.96 29.54
CA VAL B 122 -8.68 30.01 29.86
C VAL B 122 -7.50 29.49 30.69
N GLN B 123 -7.81 28.74 31.76
CA GLN B 123 -6.76 28.21 32.62
C GLN B 123 -5.77 27.33 31.84
N ASP B 124 -6.29 26.53 30.94
CA ASP B 124 -5.43 25.65 30.16
C ASP B 124 -4.58 26.43 29.16
N ALA B 125 -5.17 27.42 28.51
CA ALA B 125 -4.42 28.34 27.63
C ALA B 125 -3.27 29.01 28.40
N GLN B 126 -3.58 29.54 29.58
CA GLN B 126 -2.58 30.21 30.42
C GLN B 126 -1.46 29.24 30.82
N THR B 127 -1.84 28.01 31.15
CA THR B 127 -0.87 26.95 31.51
C THR B 127 0.08 26.65 30.36
N PHE B 128 -0.48 26.45 29.18
CA PHE B 128 0.30 26.17 27.98
C PHE B 128 1.27 27.31 27.68
N ALA B 129 0.81 28.57 27.77
CA ALA B 129 1.71 29.70 27.53
C ALA B 129 2.81 29.75 28.58
N GLU B 130 2.46 29.47 29.82
CA GLU B 130 3.44 29.48 30.92
C GLU B 130 4.51 28.40 30.75
N TRP B 131 4.10 27.26 30.21
CA TRP B 131 5.02 26.19 29.87
C TRP B 131 5.92 26.48 28.65
N LYS B 132 5.54 27.52 27.90
CA LYS B 132 6.25 27.98 26.68
C LYS B 132 6.03 27.01 25.50
N VAL B 133 4.83 26.42 25.48
CA VAL B 133 4.29 25.67 24.32
C VAL B 133 4.16 26.59 23.10
N ASP B 134 4.33 26.02 21.91
CA ASP B 134 4.34 26.79 20.64
C ASP B 134 3.19 26.48 19.71
N MET B 135 2.48 25.38 19.97
CA MET B 135 1.37 24.98 19.16
C MET B 135 0.41 24.19 20.02
N LEU B 136 -0.86 24.34 19.71
CA LEU B 136 -1.94 23.60 20.35
C LEU B 136 -2.89 22.97 19.31
N LYS B 137 -3.06 21.66 19.42
CA LYS B 137 -4.10 20.96 18.70
C LYS B 137 -5.25 20.73 19.66
N LEU B 138 -6.41 21.24 19.28
CA LEU B 138 -7.62 21.15 20.09
C LEU B 138 -8.61 20.20 19.43
N ASP B 139 -8.66 18.99 19.99
CA ASP B 139 -9.56 17.94 19.52
C ASP B 139 -10.99 18.25 19.99
N GLY B 140 -11.95 17.46 19.51
CA GLY B 140 -13.37 17.75 19.69
C GLY B 140 -14.25 16.61 20.19
N CYS B 141 -13.65 15.58 20.81
CA CYS B 141 -14.48 14.49 21.35
C CYS B 141 -15.23 14.96 22.60
N PHE B 142 -16.31 14.26 22.92
CA PHE B 142 -17.05 14.43 24.18
C PHE B 142 -17.53 15.87 24.38
N SER B 143 -17.97 16.46 23.27
CA SER B 143 -18.55 17.80 23.24
C SER B 143 -19.81 17.78 22.41
N THR B 144 -20.65 18.79 22.60
CA THR B 144 -21.81 19.02 21.76
C THR B 144 -21.48 20.06 20.68
N PRO B 145 -22.31 20.16 19.63
CA PRO B 145 -22.07 21.19 18.63
C PRO B 145 -22.05 22.62 19.20
N GLU B 146 -22.90 22.92 20.17
CA GLU B 146 -22.91 24.25 20.79
C GLU B 146 -21.64 24.51 21.61
N GLU B 147 -21.15 23.49 22.31
CA GLU B 147 -19.91 23.61 23.09
C GLU B 147 -18.73 23.91 22.16
N ARG B 148 -18.70 23.25 21.00
CA ARG B 148 -17.63 23.51 20.02
C ARG B 148 -17.75 24.91 19.44
N ALA B 149 -18.98 25.35 19.12
CA ALA B 149 -19.21 26.70 18.59
C ALA B 149 -18.77 27.81 19.55
N GLN B 150 -18.90 27.54 20.84
CA GLN B 150 -18.44 28.45 21.88
C GLN B 150 -16.95 28.30 22.15
N GLY B 151 -16.48 27.06 22.20
CA GLY B 151 -15.18 26.73 22.75
C GLY B 151 -14.03 27.02 21.83
N TYR B 152 -14.20 26.76 20.54
CA TYR B 152 -13.10 27.02 19.60
C TYR B 152 -12.78 28.51 19.53
N PRO B 153 -13.81 29.37 19.35
CA PRO B 153 -13.49 30.80 19.48
C PRO B 153 -13.00 31.20 20.87
N LYS B 154 -13.52 30.56 21.93
CA LYS B 154 -13.09 30.89 23.29
C LYS B 154 -11.60 30.58 23.46
N MET B 155 -11.15 29.44 22.92
CA MET B 155 -9.75 29.08 23.00
C MET B 155 -8.89 30.03 22.17
N ALA B 156 -9.34 30.40 20.97
CA ALA B 156 -8.56 31.34 20.17
C ALA B 156 -8.37 32.67 20.92
N ALA B 157 -9.46 33.17 21.51
CA ALA B 157 -9.40 34.39 22.31
C ALA B 157 -8.46 34.21 23.53
N ALA B 158 -8.55 33.06 24.20
CA ALA B 158 -7.72 32.80 25.39
C ALA B 158 -6.22 32.72 25.06
N LEU B 159 -5.88 32.04 23.97
CA LEU B 159 -4.48 31.98 23.54
C LEU B 159 -3.96 33.38 23.23
N ASN B 160 -4.78 34.16 22.54
CA ASN B 160 -4.39 35.51 22.17
C ASN B 160 -4.05 36.33 23.43
N ALA B 161 -4.91 36.22 24.43
CA ALA B 161 -4.79 37.00 25.67
C ALA B 161 -3.56 36.65 26.50
N THR B 162 -2.96 35.48 26.28
CA THR B 162 -1.72 35.13 27.01
C THR B 162 -0.52 35.96 26.54
N GLY B 163 -0.63 36.53 25.34
CA GLY B 163 0.47 37.26 24.72
C GLY B 163 1.52 36.41 24.08
N ARG B 164 1.46 35.09 24.26
CA ARG B 164 2.43 34.18 23.61
C ARG B 164 1.86 33.70 22.28
N PRO B 165 2.61 33.88 21.16
CA PRO B 165 2.17 33.28 19.90
C PRO B 165 2.13 31.76 19.99
N ILE B 166 0.94 31.20 19.83
CA ILE B 166 0.72 29.76 19.85
C ILE B 166 -0.05 29.34 18.60
N ALA B 167 0.56 28.50 17.78
CA ALA B 167 -0.09 28.07 16.54
C ALA B 167 -1.29 27.25 16.95
N PHE B 168 -2.44 27.48 16.32
CA PHE B 168 -3.69 26.88 16.75
C PHE B 168 -4.27 25.95 15.65
N SER B 169 -4.28 24.66 15.94
CA SER B 169 -4.80 23.61 15.08
C SER B 169 -6.16 23.16 15.62
N CYS B 170 -7.20 23.37 14.81
CA CYS B 170 -8.58 23.17 15.24
C CYS B 170 -9.21 21.97 14.57
N SER B 171 -9.67 21.00 15.37
CA SER B 171 -10.32 19.83 14.81
C SER B 171 -11.80 20.04 14.53
N TRP B 172 -12.31 21.22 14.86
CA TRP B 172 -13.72 21.54 14.80
C TRP B 172 -14.43 21.03 13.54
N PRO B 173 -13.94 21.36 12.33
CA PRO B 173 -14.72 20.93 11.15
C PRO B 173 -14.84 19.41 10.96
N ALA B 174 -13.83 18.65 11.40
CA ALA B 174 -13.87 17.18 11.32
C ALA B 174 -15.04 16.60 12.13
N TYR B 175 -15.47 17.30 13.17
CA TYR B 175 -16.60 16.87 14.00
C TYR B 175 -17.96 17.41 13.53
N GLU B 176 -17.95 18.20 12.45
CA GLU B 176 -19.14 18.81 11.85
C GLU B 176 -19.41 18.41 10.39
N GLY B 177 -18.69 17.43 9.87
CA GLY B 177 -18.86 17.00 8.48
C GLY B 177 -18.01 17.73 7.45
N GLY B 178 -17.22 18.70 7.89
CA GLY B 178 -16.20 19.33 7.01
C GLY B 178 -16.78 20.31 5.98
N LEU B 179 -18.10 20.51 5.91
CA LEU B 179 -18.66 21.28 4.82
C LEU B 179 -19.69 22.30 5.26
N PRO B 180 -19.85 23.38 4.47
CA PRO B 180 -20.96 24.28 4.72
C PRO B 180 -22.27 23.55 4.45
N PRO B 181 -23.36 23.98 5.09
CA PRO B 181 -23.42 25.14 5.97
C PRO B 181 -22.98 24.91 7.43
N ARG B 182 -22.79 23.66 7.85
CA ARG B 182 -22.43 23.41 9.24
C ARG B 182 -21.05 23.98 9.60
N VAL B 183 -20.11 23.90 8.65
CA VAL B 183 -18.78 24.50 8.82
C VAL B 183 -18.72 25.85 8.12
N GLN B 184 -18.25 26.86 8.85
CA GLN B 184 -18.11 28.22 8.33
C GLN B 184 -16.61 28.49 8.19
N TYR B 185 -16.09 28.26 7.00
CA TYR B 185 -14.64 28.39 6.80
C TYR B 185 -14.09 29.82 6.99
N SER B 186 -14.93 30.82 6.75
CA SER B 186 -14.53 32.19 6.96
C SER B 186 -14.23 32.44 8.44
N LEU B 187 -15.03 31.85 9.33
CA LEU B 187 -14.74 31.94 10.77
C LEU B 187 -13.49 31.14 11.11
N LEU B 188 -13.40 29.91 10.61
CA LEU B 188 -12.22 29.11 10.91
C LEU B 188 -10.94 29.82 10.54
N ALA B 189 -10.91 30.44 9.38
CA ALA B 189 -9.70 31.13 8.92
C ALA B 189 -9.30 32.27 9.86
N ASP B 190 -10.29 32.90 10.48
CA ASP B 190 -10.05 33.97 11.43
C ASP B 190 -9.64 33.51 12.83
N ILE B 191 -9.97 32.28 13.22
CA ILE B 191 -9.67 31.84 14.59
C ILE B 191 -8.62 30.73 14.68
N CYS B 192 -8.27 30.11 13.55
CA CYS B 192 -7.33 28.98 13.56
C CYS B 192 -6.23 29.14 12.51
N ASN B 193 -5.03 28.61 12.79
CA ASN B 193 -3.96 28.55 11.79
C ASN B 193 -4.06 27.36 10.84
N LEU B 194 -4.76 26.31 11.27
CA LEU B 194 -5.01 25.14 10.44
C LEU B 194 -6.16 24.36 11.08
N TRP B 195 -6.79 23.52 10.28
CA TRP B 195 -7.93 22.74 10.75
C TRP B 195 -8.00 21.38 10.08
N ARG B 196 -8.31 20.38 10.89
CA ARG B 196 -8.56 19.03 10.39
C ARG B 196 -9.96 19.01 9.80
N ASN B 197 -10.04 18.92 8.47
CA ASN B 197 -11.33 18.96 7.78
C ASN B 197 -12.08 17.63 7.84
N TYR B 198 -11.34 16.52 7.95
CA TYR B 198 -11.89 15.23 7.57
C TYR B 198 -11.37 14.11 8.46
N ASP B 199 -11.63 12.87 8.08
CA ASP B 199 -11.35 11.71 8.91
C ASP B 199 -9.87 11.45 9.16
N ASP B 200 -9.57 10.90 10.34
CA ASP B 200 -8.24 10.52 10.72
C ASP B 200 -7.60 9.60 9.69
N ILE B 201 -6.35 9.88 9.35
CA ILE B 201 -5.60 9.02 8.47
C ILE B 201 -5.21 7.76 9.25
N GLN B 202 -5.16 6.63 8.54
CA GLN B 202 -4.69 5.37 9.09
C GLN B 202 -3.58 4.88 8.16
N ASP B 203 -2.85 3.86 8.59
CA ASP B 203 -1.64 3.44 7.88
C ASP B 203 -2.02 2.49 6.74
N SER B 204 -2.66 3.06 5.73
CA SER B 204 -3.06 2.31 4.55
C SER B 204 -3.19 3.21 3.36
N TRP B 205 -2.91 2.66 2.19
CA TRP B 205 -3.21 3.41 0.94
C TRP B 205 -4.71 3.76 0.70
N TRP B 206 -5.63 2.84 1.04
CA TRP B 206 -7.04 3.10 0.98
C TRP B 206 -7.36 4.39 1.76
N SER B 207 -6.72 4.54 2.93
CA SER B 207 -6.95 5.75 3.76
C SER B 207 -6.51 7.02 3.03
N VAL B 208 -5.31 6.98 2.47
CA VAL B 208 -4.81 8.13 1.74
C VAL B 208 -5.72 8.47 0.58
N LEU B 209 -6.10 7.44 -0.18
CA LEU B 209 -7.06 7.66 -1.27
C LEU B 209 -8.44 8.23 -0.86
N SER B 210 -8.94 7.74 0.27
CA SER B 210 -10.22 8.24 0.75
CA SER B 210 -10.19 8.22 0.82
C SER B 210 -10.14 9.72 1.09
N ILE B 211 -9.04 10.15 1.69
CA ILE B 211 -8.84 11.55 2.06
C ILE B 211 -8.64 12.42 0.81
N LEU B 212 -7.80 11.95 -0.11
CA LEU B 212 -7.62 12.66 -1.38
CA LEU B 212 -7.59 12.64 -1.37
C LEU B 212 -8.92 12.82 -2.13
N ASN B 213 -9.73 11.74 -2.19
CA ASN B 213 -10.99 11.77 -2.89
C ASN B 213 -11.92 12.83 -2.32
N TRP B 214 -11.96 12.89 -0.99
CA TRP B 214 -12.82 13.85 -0.33
C TRP B 214 -12.36 15.29 -0.61
N PHE B 215 -11.06 15.52 -0.49
CA PHE B 215 -10.55 16.85 -0.79
C PHE B 215 -10.77 17.25 -2.23
N VAL B 216 -10.58 16.32 -3.16
CA VAL B 216 -10.85 16.62 -4.57
CA VAL B 216 -10.86 16.59 -4.59
C VAL B 216 -12.35 16.82 -4.88
N GLU B 217 -13.22 15.99 -4.29
CA GLU B 217 -14.63 16.18 -4.45
C GLU B 217 -15.08 17.57 -4.04
N HIS B 218 -14.49 18.10 -2.98
CA HIS B 218 -14.91 19.36 -2.39
C HIS B 218 -13.92 20.50 -2.63
N GLN B 219 -13.05 20.38 -3.64
CA GLN B 219 -11.99 21.36 -3.82
C GLN B 219 -12.53 22.76 -4.21
N ASP B 220 -13.71 22.90 -4.86
CA ASP B 220 -14.24 24.24 -5.16
C ASP B 220 -14.50 25.04 -3.88
N ILE B 221 -14.90 24.33 -2.82
CA ILE B 221 -15.10 24.93 -1.49
C ILE B 221 -13.79 25.09 -0.72
N LEU B 222 -12.92 24.08 -0.75
CA LEU B 222 -11.76 24.01 0.13
C LEU B 222 -10.55 24.75 -0.40
N GLN B 223 -10.30 24.70 -1.70
CA GLN B 223 -9.10 25.30 -2.24
C GLN B 223 -8.96 26.80 -1.91
N PRO B 224 -10.05 27.59 -2.03
CA PRO B 224 -9.94 29.04 -1.83
C PRO B 224 -9.69 29.48 -0.39
N VAL B 225 -10.01 28.62 0.58
CA VAL B 225 -9.88 29.00 2.01
C VAL B 225 -8.46 28.94 2.57
N ALA B 226 -7.57 28.20 1.90
CA ALA B 226 -6.23 28.02 2.37
C ALA B 226 -5.39 29.22 1.95
N GLY B 227 -4.44 29.57 2.81
CA GLY B 227 -3.50 30.61 2.50
C GLY B 227 -2.63 30.86 3.70
N PRO B 228 -1.64 31.77 3.56
CA PRO B 228 -0.75 32.10 4.66
C PRO B 228 -1.48 32.35 5.97
N GLY B 229 -1.12 31.57 6.98
CA GLY B 229 -1.71 31.65 8.32
C GLY B 229 -2.98 30.86 8.54
N HIS B 230 -3.50 30.18 7.51
CA HIS B 230 -4.76 29.44 7.66
C HIS B 230 -4.89 28.30 6.64
N TRP B 231 -4.54 27.09 7.05
CA TRP B 231 -4.42 25.96 6.17
C TRP B 231 -5.47 24.86 6.35
N ASN B 232 -5.81 24.20 5.25
CA ASN B 232 -6.50 22.92 5.35
C ASN B 232 -5.50 21.86 5.81
N ASP B 233 -5.98 20.90 6.58
CA ASP B 233 -5.13 19.84 7.11
C ASP B 233 -5.73 18.47 6.78
N PRO B 234 -5.17 17.77 5.76
CA PRO B 234 -5.62 16.43 5.42
C PRO B 234 -5.04 15.29 6.31
N ASP B 235 -4.31 15.66 7.37
CA ASP B 235 -3.74 14.79 8.40
C ASP B 235 -2.30 14.36 8.10
N MET B 236 -1.76 13.53 8.98
CA MET B 236 -0.33 13.23 9.01
C MET B 236 0.20 12.48 7.80
N LEU B 237 1.48 12.69 7.54
CA LEU B 237 2.22 11.87 6.58
C LEU B 237 2.45 10.46 7.16
N LEU B 238 2.35 9.44 6.29
CA LEU B 238 2.51 8.03 6.68
C LEU B 238 3.89 7.48 6.31
N ILE B 239 4.67 8.33 5.67
CA ILE B 239 5.98 7.92 5.15
C ILE B 239 6.89 7.51 6.30
N GLY B 240 7.46 6.30 6.17
CA GLY B 240 8.32 5.74 7.17
C GLY B 240 7.67 4.58 7.94
N ASN B 241 6.36 4.38 7.75
CA ASN B 241 5.59 3.41 8.52
C ASN B 241 5.37 2.10 7.73
N PHE B 242 4.20 1.46 7.85
CA PHE B 242 4.04 0.06 7.43
C PHE B 242 3.16 -0.17 6.23
N GLY B 243 2.25 0.77 5.97
CA GLY B 243 1.16 0.53 5.06
C GLY B 243 1.42 0.95 3.65
N LEU B 244 2.30 1.94 3.43
CA LEU B 244 2.50 2.45 2.08
C LEU B 244 3.72 1.81 1.41
N SER B 245 3.61 1.47 0.14
CA SER B 245 4.73 1.10 -0.66
C SER B 245 5.59 2.31 -0.97
N LEU B 246 6.73 2.07 -1.61
CA LEU B 246 7.60 3.18 -2.03
C LEU B 246 6.85 4.13 -2.98
N GLU B 247 6.13 3.63 -3.99
CA GLU B 247 5.43 4.49 -4.94
C GLU B 247 4.34 5.28 -4.23
N GLN B 248 3.66 4.65 -3.29
CA GLN B 248 2.63 5.32 -2.50
C GLN B 248 3.16 6.42 -1.56
N SER B 249 4.31 6.12 -0.97
CA SER B 249 5.01 7.04 -0.05
C SER B 249 5.39 8.33 -0.82
N ARG B 250 5.99 8.14 -1.98
CA ARG B 250 6.32 9.28 -2.84
C ARG B 250 5.04 10.04 -3.33
N ALA B 251 3.94 9.34 -3.63
CA ALA B 251 2.68 9.91 -4.00
C ALA B 251 2.13 10.76 -2.86
N GLN B 252 2.16 10.26 -1.63
CA GLN B 252 1.53 11.05 -0.54
C GLN B 252 2.29 12.37 -0.38
N MET B 253 3.62 12.28 -0.41
CA MET B 253 4.48 13.48 -0.20
C MET B 253 4.12 14.51 -1.31
N ALA B 254 4.11 14.03 -2.54
CA ALA B 254 3.79 14.92 -3.65
C ALA B 254 2.40 15.59 -3.60
N LEU B 255 1.40 14.80 -3.23
CA LEU B 255 0.03 15.27 -3.28
C LEU B 255 -0.23 16.20 -2.08
N TRP B 256 0.31 15.87 -0.93
CA TRP B 256 0.20 16.77 0.23
C TRP B 256 0.86 18.11 -0.11
N THR B 257 1.99 18.05 -0.81
CA THR B 257 2.69 19.27 -1.22
C THR B 257 1.87 20.13 -2.18
N VAL B 258 1.23 19.49 -3.15
CA VAL B 258 0.36 20.19 -4.11
C VAL B 258 -0.90 20.80 -3.45
N LEU B 259 -1.32 20.15 -2.35
CA LEU B 259 -2.45 20.62 -1.56
C LEU B 259 -2.10 21.70 -0.52
N ALA B 260 -0.86 22.13 -0.45
CA ALA B 260 -0.44 23.11 0.55
C ALA B 260 -0.80 22.58 1.96
N ALA B 261 -0.55 21.29 2.18
CA ALA B 261 -0.83 20.65 3.47
C ALA B 261 0.34 20.84 4.44
N PRO B 262 0.02 20.80 5.75
CA PRO B 262 1.11 20.57 6.70
C PRO B 262 1.91 19.33 6.30
N LEU B 263 3.19 19.36 6.63
CA LEU B 263 4.06 18.20 6.48
C LEU B 263 4.38 17.79 7.90
N LEU B 264 3.40 17.11 8.52
CA LEU B 264 3.56 16.61 9.88
C LEU B 264 3.77 15.10 9.81
N MET B 265 5.02 14.72 9.95
CA MET B 265 5.42 13.31 10.00
C MET B 265 4.90 12.66 11.28
N SER B 266 4.82 11.33 11.25
CA SER B 266 4.50 10.55 12.45
C SER B 266 5.03 9.18 12.22
N THR B 267 6.31 9.03 12.55
CA THR B 267 7.07 7.84 12.23
C THR B 267 8.24 7.75 13.20
N ASP B 268 8.86 6.58 13.31
CA ASP B 268 10.01 6.40 14.19
C ASP B 268 11.26 6.96 13.51
N LEU B 269 11.63 8.19 13.87
CA LEU B 269 12.83 8.82 13.29
C LEU B 269 14.15 8.13 13.65
N ARG B 270 14.14 7.29 14.68
CA ARG B 270 15.31 6.58 15.13
C ARG B 270 15.68 5.43 14.19
N THR B 271 14.71 4.94 13.41
CA THR B 271 14.93 3.77 12.53
C THR B 271 14.45 3.98 11.09
N ILE B 272 14.04 5.19 10.75
CA ILE B 272 13.59 5.52 9.42
C ILE B 272 14.67 5.18 8.39
N SER B 273 14.25 4.63 7.26
CA SER B 273 15.21 4.23 6.22
C SER B 273 15.71 5.43 5.42
N ALA B 274 16.90 5.27 4.85
CA ALA B 274 17.51 6.32 4.01
C ALA B 274 16.54 6.67 2.88
N GLN B 275 15.86 5.67 2.30
CA GLN B 275 14.92 5.87 1.19
C GLN B 275 13.74 6.78 1.58
N ASN B 276 13.18 6.54 2.77
CA ASN B 276 12.07 7.35 3.24
C ASN B 276 12.55 8.74 3.70
N MET B 277 13.73 8.81 4.30
CA MET B 277 14.27 10.12 4.64
C MET B 277 14.45 10.96 3.38
N ASP B 278 14.92 10.32 2.31
CA ASP B 278 15.13 11.02 1.03
C ASP B 278 13.85 11.65 0.45
N ILE B 279 12.68 11.03 0.62
CA ILE B 279 11.44 11.56 0.20
C ILE B 279 11.11 12.77 1.06
N LEU B 280 11.20 12.59 2.38
CA LEU B 280 10.73 13.66 3.31
C LEU B 280 11.68 14.88 3.33
N GLN B 281 12.94 14.66 3.00
CA GLN B 281 14.00 15.72 3.01
C GLN B 281 14.33 16.30 1.62
N ASN B 282 13.53 15.95 0.62
CA ASN B 282 13.72 16.43 -0.72
C ASN B 282 13.62 17.99 -0.75
N PRO B 283 14.71 18.69 -1.09
CA PRO B 283 14.70 20.15 -0.92
C PRO B 283 13.71 20.86 -1.85
N LEU B 284 13.59 20.41 -3.08
CA LEU B 284 12.68 21.03 -4.01
C LEU B 284 11.25 20.76 -3.59
N MET B 285 10.96 19.53 -3.16
CA MET B 285 9.66 19.21 -2.62
C MET B 285 9.27 20.17 -1.50
N ILE B 286 10.19 20.39 -0.57
CA ILE B 286 9.93 21.26 0.58
C ILE B 286 9.76 22.74 0.15
N LYS B 287 10.61 23.19 -0.77
CA LYS B 287 10.45 24.54 -1.36
C LYS B 287 9.06 24.77 -1.94
N ILE B 288 8.53 23.77 -2.66
CA ILE B 288 7.22 23.87 -3.24
C ILE B 288 6.17 23.92 -2.13
N ASN B 289 6.24 22.99 -1.18
CA ASN B 289 5.27 22.98 -0.09
C ASN B 289 5.24 24.36 0.61
N GLN B 290 6.43 24.92 0.79
CA GLN B 290 6.63 26.15 1.56
C GLN B 290 6.55 27.42 0.70
N ASP B 291 6.01 27.30 -0.50
CA ASP B 291 5.96 28.44 -1.40
C ASP B 291 5.26 29.62 -0.71
N PRO B 292 5.84 30.82 -0.80
CA PRO B 292 5.27 31.92 -0.01
C PRO B 292 3.88 32.40 -0.39
N LEU B 293 3.40 32.13 -1.61
CA LEU B 293 2.04 32.53 -1.98
C LEU B 293 0.97 31.71 -1.24
N GLY B 294 1.30 30.49 -0.82
CA GLY B 294 0.36 29.68 -0.06
C GLY B 294 -0.94 29.39 -0.79
N ILE B 295 -0.85 29.19 -2.11
CA ILE B 295 -2.02 28.88 -2.91
C ILE B 295 -2.18 27.36 -2.99
N GLN B 296 -3.27 26.84 -2.43
CA GLN B 296 -3.56 25.40 -2.51
C GLN B 296 -3.80 25.00 -3.97
N GLY B 297 -3.28 23.84 -4.38
CA GLY B 297 -3.50 23.30 -5.72
C GLY B 297 -4.84 22.60 -5.84
N ARG B 298 -5.06 22.05 -7.04
CA ARG B 298 -6.34 21.45 -7.46
C ARG B 298 -6.03 20.29 -8.38
N ARG B 299 -6.95 19.32 -8.44
CA ARG B 299 -6.92 18.37 -9.53
C ARG B 299 -7.46 19.11 -10.74
N ILE B 300 -6.70 19.10 -11.83
CA ILE B 300 -7.09 19.80 -13.07
C ILE B 300 -7.55 18.88 -14.21
N HIS B 301 -7.22 17.59 -14.12
CA HIS B 301 -7.49 16.64 -15.20
C HIS B 301 -7.65 15.24 -14.58
N LYS B 302 -8.67 14.54 -15.04
CA LYS B 302 -8.84 13.12 -14.77
C LYS B 302 -9.18 12.49 -16.12
N GLU B 303 -8.49 11.40 -16.44
CA GLU B 303 -8.62 10.70 -17.73
C GLU B 303 -9.18 9.29 -17.48
N LYS B 304 -9.86 8.73 -18.48
CA LYS B 304 -10.35 7.33 -18.41
C LYS B 304 -9.22 6.29 -18.22
N SER B 305 -7.98 6.65 -18.54
CA SER B 305 -6.79 5.82 -18.27
C SER B 305 -6.44 5.73 -16.80
N LEU B 306 -7.16 6.49 -15.97
CA LEU B 306 -6.97 6.57 -14.53
C LEU B 306 -5.75 7.39 -14.14
N ILE B 307 -5.23 8.21 -15.06
CA ILE B 307 -4.18 9.16 -14.70
C ILE B 307 -4.86 10.47 -14.33
N GLU B 308 -4.47 11.09 -13.23
CA GLU B 308 -4.98 12.38 -12.82
C GLU B 308 -3.81 13.35 -12.83
N VAL B 309 -4.11 14.61 -13.06
CA VAL B 309 -3.10 15.66 -13.02
C VAL B 309 -3.56 16.73 -12.03
N TYR B 310 -2.68 17.04 -11.10
CA TYR B 310 -2.86 18.11 -10.14
C TYR B 310 -1.87 19.24 -10.47
N MET B 311 -2.29 20.46 -10.19
CA MET B 311 -1.44 21.63 -10.42
C MET B 311 -1.56 22.58 -9.24
N ARG B 312 -0.42 23.10 -8.82
CA ARG B 312 -0.36 24.14 -7.79
C ARG B 312 0.39 25.36 -8.32
N PRO B 313 -0.25 26.54 -8.28
CA PRO B 313 0.43 27.78 -8.65
C PRO B 313 1.47 28.16 -7.61
N LEU B 314 2.61 28.63 -8.08
CA LEU B 314 3.75 29.00 -7.22
C LEU B 314 4.24 30.41 -7.54
N SER B 315 5.18 30.86 -6.73
CA SER B 315 5.81 32.16 -6.92
C SER B 315 6.50 32.27 -8.26
N ASN B 316 6.52 33.49 -8.79
CA ASN B 316 7.25 33.81 -10.02
C ASN B 316 6.75 33.06 -11.25
N LYS B 317 5.42 32.89 -11.31
CA LYS B 317 4.74 32.28 -12.44
C LYS B 317 5.22 30.83 -12.67
N ALA B 318 5.78 30.21 -11.63
CA ALA B 318 6.12 28.78 -11.65
C ALA B 318 4.89 27.98 -11.20
N SER B 319 4.94 26.68 -11.45
CA SER B 319 3.86 25.76 -11.10
C SER B 319 4.44 24.44 -10.69
N ALA B 320 3.67 23.69 -9.90
CA ALA B 320 3.97 22.29 -9.65
C ALA B 320 2.91 21.46 -10.34
N LEU B 321 3.35 20.43 -11.04
CA LEU B 321 2.45 19.46 -11.66
C LEU B 321 2.70 18.09 -11.05
N VAL B 322 1.63 17.41 -10.67
CA VAL B 322 1.74 16.01 -10.24
C VAL B 322 0.88 15.16 -11.15
N PHE B 323 1.53 14.22 -11.82
CA PHE B 323 0.86 13.25 -12.65
C PHE B 323 0.72 12.00 -11.79
N PHE B 324 -0.51 11.54 -11.55
CA PHE B 324 -0.77 10.52 -10.53
C PHE B 324 -1.50 9.36 -11.16
N SER B 325 -1.01 8.15 -11.08
CA SER B 325 -1.63 6.99 -11.63
C SER B 325 -2.39 6.24 -10.53
N CYS B 326 -3.70 6.15 -10.74
CA CYS B 326 -4.58 5.30 -9.93
C CYS B 326 -4.77 3.93 -10.58
N ARG B 327 -3.94 3.62 -11.57
CA ARG B 327 -3.92 2.30 -12.17
C ARG B 327 -3.28 1.31 -11.19
N THR B 328 -3.65 0.04 -11.37
CA THR B 328 -3.19 -1.04 -10.54
C THR B 328 -2.62 -2.19 -11.36
N ASP B 329 -2.01 -1.86 -12.50
CA ASP B 329 -1.42 -2.86 -13.37
C ASP B 329 0.10 -2.74 -13.54
N MET B 330 0.55 -1.70 -14.24
CA MET B 330 1.96 -1.60 -14.56
C MET B 330 2.28 -0.14 -14.96
N PRO B 331 3.56 0.16 -15.17
CA PRO B 331 3.88 1.55 -15.56
C PRO B 331 3.10 1.98 -16.80
N TYR B 332 2.72 3.26 -16.83
CA TYR B 332 1.90 3.80 -17.88
C TYR B 332 2.61 5.00 -18.51
N ARG B 333 2.63 5.01 -19.84
CA ARG B 333 3.23 6.11 -20.59
C ARG B 333 2.15 7.13 -20.86
N TYR B 334 2.18 8.22 -20.10
CA TYR B 334 1.16 9.25 -20.20
C TYR B 334 1.65 10.32 -21.17
N HIS B 335 0.91 10.49 -22.25
CA HIS B 335 1.23 11.46 -23.29
C HIS B 335 0.37 12.70 -23.11
N SER B 336 1.00 13.86 -23.04
CA SER B 336 0.26 15.11 -22.89
C SER B 336 1.02 16.28 -23.48
N SER B 337 0.53 17.48 -23.20
CA SER B 337 1.21 18.72 -23.57
C SER B 337 0.72 19.78 -22.60
N LEU B 338 1.49 20.84 -22.42
CA LEU B 338 1.08 21.89 -21.49
C LEU B 338 -0.20 22.56 -21.97
N GLY B 339 -0.35 22.67 -23.28
CA GLY B 339 -1.59 23.23 -23.85
C GLY B 339 -2.83 22.44 -23.45
N GLN B 340 -2.69 21.12 -23.39
CA GLN B 340 -3.77 20.24 -22.96
C GLN B 340 -4.08 20.35 -21.48
N LEU B 341 -3.16 20.94 -20.73
CA LEU B 341 -3.30 21.15 -19.29
C LEU B 341 -3.61 22.62 -18.96
N ASN B 342 -4.17 23.31 -19.95
CA ASN B 342 -4.71 24.67 -19.82
C ASN B 342 -3.64 25.73 -19.52
N PHE B 343 -2.41 25.48 -19.97
CA PHE B 343 -1.39 26.53 -20.05
C PHE B 343 -1.63 27.23 -21.39
N THR B 344 -1.73 28.55 -21.36
CA THR B 344 -1.97 29.33 -22.58
C THR B 344 -0.95 30.47 -22.67
N GLY B 345 -0.98 31.21 -23.77
CA GLY B 345 0.11 32.15 -24.10
C GLY B 345 1.26 31.38 -24.71
N SER B 346 2.22 32.08 -25.29
CA SER B 346 3.33 31.40 -25.95
C SER B 346 4.59 31.46 -25.09
N VAL B 347 4.44 31.11 -23.82
CA VAL B 347 5.57 31.06 -22.90
C VAL B 347 6.34 29.76 -23.17
N ILE B 348 7.67 29.85 -23.13
CA ILE B 348 8.54 28.67 -23.22
C ILE B 348 8.97 28.28 -21.81
N TYR B 349 8.83 26.99 -21.48
CA TYR B 349 9.03 26.51 -20.13
C TYR B 349 10.22 25.53 -20.03
N GLU B 350 10.68 25.37 -18.80
CA GLU B 350 11.55 24.28 -18.41
C GLU B 350 10.94 23.62 -17.18
N ALA B 351 11.18 22.32 -17.03
CA ALA B 351 10.70 21.57 -15.86
C ALA B 351 11.85 20.82 -15.21
N GLN B 352 11.79 20.73 -13.88
CA GLN B 352 12.64 19.82 -13.12
C GLN B 352 11.77 18.73 -12.48
N ASP B 353 12.14 17.47 -12.71
CA ASP B 353 11.47 16.33 -12.09
C ASP B 353 11.88 16.33 -10.63
N VAL B 354 10.92 16.44 -9.73
CA VAL B 354 11.22 16.66 -8.32
C VAL B 354 11.93 15.46 -7.69
N TYR B 355 11.58 14.25 -8.11
CA TYR B 355 12.22 13.08 -7.56
C TYR B 355 13.49 12.65 -8.26
N SER B 356 13.58 12.74 -9.59
CA SER B 356 14.80 12.33 -10.31
C SER B 356 15.81 13.45 -10.42
N GLY B 357 15.33 14.69 -10.38
CA GLY B 357 16.15 15.87 -10.58
C GLY B 357 16.45 16.19 -12.04
N ASP B 358 15.92 15.38 -12.95
CA ASP B 358 16.13 15.57 -14.37
C ASP B 358 15.49 16.87 -14.86
N ILE B 359 16.16 17.55 -15.78
CA ILE B 359 15.69 18.81 -16.36
C ILE B 359 15.18 18.53 -17.78
N ILE B 360 13.97 19.01 -18.05
CA ILE B 360 13.35 18.95 -19.36
C ILE B 360 13.24 20.39 -19.90
N SER B 361 13.93 20.68 -20.99
CA SER B 361 14.05 22.05 -21.49
C SER B 361 13.30 22.23 -22.79
N GLY B 362 12.76 23.43 -23.00
CA GLY B 362 12.14 23.81 -24.25
C GLY B 362 10.71 23.36 -24.45
N LEU B 363 9.94 23.31 -23.37
CA LEU B 363 8.51 22.96 -23.44
C LEU B 363 7.69 24.19 -23.83
N ARG B 364 7.01 24.12 -24.97
CA ARG B 364 6.02 25.10 -25.36
C ARG B 364 4.65 24.45 -25.14
N ASP B 365 3.58 25.23 -25.22
CA ASP B 365 2.24 24.68 -25.01
C ASP B 365 1.94 23.51 -25.95
N GLU B 366 2.47 23.57 -27.17
CA GLU B 366 2.19 22.57 -28.22
C GLU B 366 3.09 21.34 -28.13
N THR B 367 4.13 21.39 -27.30
CA THR B 367 5.14 20.34 -27.28
C THR B 367 4.60 19.07 -26.63
N ASN B 368 4.59 18.00 -27.40
CA ASN B 368 4.17 16.70 -26.90
C ASN B 368 5.25 16.15 -25.97
N PHE B 369 4.84 15.68 -24.78
CA PHE B 369 5.75 15.01 -23.88
C PHE B 369 5.13 13.74 -23.33
N THR B 370 5.98 12.85 -22.82
CA THR B 370 5.57 11.60 -22.21
C THR B 370 6.22 11.49 -20.84
N VAL B 371 5.44 11.09 -19.84
CA VAL B 371 5.96 10.76 -18.52
C VAL B 371 5.55 9.33 -18.18
N ILE B 372 6.45 8.58 -17.57
CA ILE B 372 6.17 7.21 -17.21
C ILE B 372 5.81 7.18 -15.73
N ILE B 373 4.59 6.73 -15.43
CA ILE B 373 4.05 6.80 -14.07
C ILE B 373 3.75 5.37 -13.62
N ASN B 374 4.28 5.01 -12.46
CA ASN B 374 4.05 3.67 -11.93
C ASN B 374 2.73 3.58 -11.17
N PRO B 375 2.17 2.37 -11.03
CA PRO B 375 0.86 2.22 -10.40
C PRO B 375 0.88 2.72 -8.94
N SER B 376 -0.14 3.46 -8.52
CA SER B 376 -0.25 4.10 -7.20
C SER B 376 0.89 5.05 -6.92
N GLY B 377 1.40 5.63 -8.00
CA GLY B 377 2.60 6.44 -7.95
C GLY B 377 2.46 7.75 -8.73
N VAL B 378 3.48 8.59 -8.69
CA VAL B 378 3.44 9.88 -9.30
C VAL B 378 4.70 10.18 -10.11
N VAL B 379 4.60 11.18 -10.97
CA VAL B 379 5.73 11.93 -11.49
C VAL B 379 5.39 13.38 -11.15
N MET B 380 6.36 14.12 -10.63
CA MET B 380 6.12 15.48 -10.22
C MET B 380 7.11 16.41 -10.89
N TRP B 381 6.62 17.51 -11.43
CA TRP B 381 7.43 18.52 -12.08
C TRP B 381 7.33 19.86 -11.37
N TYR B 382 8.47 20.53 -11.28
CA TYR B 382 8.51 21.95 -10.95
C TYR B 382 8.72 22.65 -12.30
N LEU B 383 7.74 23.43 -12.72
CA LEU B 383 7.66 24.00 -14.07
C LEU B 383 7.78 25.52 -13.99
N TYR B 384 8.66 26.10 -14.79
CA TYR B 384 8.85 27.55 -14.77
C TYR B 384 9.13 28.10 -16.17
N PRO B 385 8.69 29.35 -16.45
CA PRO B 385 9.11 29.96 -17.71
C PRO B 385 10.62 30.04 -17.74
N ILE B 386 11.22 29.68 -18.87
CA ILE B 386 12.66 29.61 -18.95
C ILE B 386 13.26 31.01 -18.73
N LYS B 387 12.52 32.06 -19.11
CA LYS B 387 12.96 33.43 -18.87
C LYS B 387 13.11 33.76 -17.37
N ASN B 388 12.43 33.01 -16.49
CA ASN B 388 12.67 33.14 -15.04
C ASN B 388 14.12 32.93 -14.63
N LEU B 389 14.81 32.00 -15.29
CA LEU B 389 16.21 31.71 -14.99
C LEU B 389 17.07 32.93 -15.22
N GLU B 390 16.86 33.57 -16.35
CA GLU B 390 17.65 34.73 -16.76
C GLU B 390 17.30 35.91 -15.86
N MET B 391 16.01 36.21 -15.72
CA MET B 391 15.57 37.36 -14.92
C MET B 391 16.04 37.27 -13.45
N SER B 392 15.99 36.07 -12.87
CA SER B 392 16.47 35.88 -11.49
C SER B 392 17.95 36.23 -11.32
N GLN B 393 18.72 36.22 -12.43
CA GLN B 393 20.15 36.59 -12.39
C GLN B 393 20.44 38.04 -12.77
N GLN B 394 19.39 38.82 -13.01
CA GLN B 394 19.54 40.17 -13.53
C GLN B 394 18.88 41.22 -12.62
N HIS B 395 18.72 40.87 -11.35
CA HIS B 395 18.28 41.84 -10.34
C HIS B 395 19.45 42.74 -9.96
N HIS B 396 19.16 43.99 -9.61
CA HIS B 396 20.20 44.96 -9.26
C HIS B 396 19.97 45.56 -7.87
N HIS B 397 21.07 45.73 -7.14
CA HIS B 397 21.02 46.04 -5.71
C HIS B 397 21.73 47.35 -5.40
N HIS B 398 21.39 47.93 -4.25
CA HIS B 398 22.12 49.09 -3.72
C HIS B 398 21.96 49.12 -2.18
N HIS B 399 22.91 49.74 -1.48
CA HIS B 399 22.83 49.87 -0.03
C HIS B 399 21.83 50.97 0.35
N HIS B 400 21.30 50.92 1.57
CA HIS B 400 20.25 51.84 2.03
C HIS B 400 20.80 52.94 2.96
#